data_6DDF
#
_entry.id   6DDF
#
_cell.length_a   1
_cell.length_b   1
_cell.length_c   1
_cell.angle_alpha   90
_cell.angle_beta   90
_cell.angle_gamma   90
#
_symmetry.space_group_name_H-M   'P 1'
#
loop_
_entity.id
_entity.type
_entity.pdbx_description
1 polymer 'Guanine nucleotide-binding protein G(i) subunit alpha-1'
2 polymer 'Guanine nucleotide-binding protein G(I)/G(S)/G(T) subunit beta-1'
3 polymer 'Guanine nucleotide-binding protein G(I)/G(S)/G(O) subunit gamma-2'
4 polymer 'Mu-type opioid receptor'
5 polymer DAMGO
#
loop_
_entity_poly.entity_id
_entity_poly.type
_entity_poly.pdbx_seq_one_letter_code
_entity_poly.pdbx_strand_id
1 'polypeptide(L)'
;MGCTLSAEDKAAVERSKMIDRNLREDGEKAAREVKLLLLGAGESGKSTIVKQMKIIHEAGYSEEECKQYKAVVYSNTIQS
IIAIIRAMGRLKIDFGDSARADDARQLFVLAGAAEEGFMTAELAGVIKRLWKDSGVQACFNRSREYQLNDSAAYYLNDLD
RIAQPNYIPTQQDVLRTRVKTTGIVETHFTFKDLHFKMFDVGGQRSERKKWIHCFEGVTAIIFCVALSDYDLVLAEDEEM
NRMHESMKLFDSICNNKWFTDTSIILFLNKKDLFEEKIKKSPLTICYPEYAGSNTYEEAAAYIQCQFEDLNKRKDTKEIY
THFTCATDTKNVQFVFDAVTDVIIKNNLKDCGLF
;
A
2 'polypeptide(L)'
;PGSSGSELDQLRQEAEQLKNQIRDARKACADATLSQITNNIDPVGRIQMRTRRTLRGHLAKIYAMHWGTDSRLLVSASQD
GKLIIWDSYTTNKVHAIPLRSSWVMTCAYAPSGNYVACGGLDNICSIYNLKTREGNVRVSRELAGHTGYLSCCRFLDDNQ
IVTSSGDTTCALWDIETGQQTTTFTGHTGDVMSLSLAPDTRLFVSGACDASAKLWDVREGMCRQTFTGHESDINAICFFP
NGNAFATGSDDATCRLFDLRADQELMTYSHDNIICGITSVSFSKSGRLLLAGYDDFNCNVWDALKADRAGVLAGHDNRVS
CLGVTDDGMAVATGSWDSFLKIWN
;
B
3 'polypeptide(L)' MASNNTASIAQARKLVEQLKMEANIDRIKVSKAAADLMAYCEAHAKEDPLLTPVPASENPFREKKFFCAIL C
4 'polypeptide(L)'
;NISDCSDPLAPASCSPAPGSWLNLSHVDGNQSDPCGPNRTGLGENLYFQGSHSLCPQTGSPSMVTAITIMALYSIVCVVG
LFGNFLVMYVIVRYTKMKTATNIYIFNLALADALATSTLPFQSVNYLMGTWPFGNILCKIVISIDYYNMFTSIFTLCTMS
VDRYIAVCHPVKALDFRTPRNAKIVNVCNWILSSAIGLPVMFMATTKYRQGSIDCTLTFSHPTWYWENLLKICVFIFAFI
MPVLIITVCYGLMILRLKSVRMLSGSKEKDRNLRRITRMVLVVVAVFIVCWTPIHIYVIIKALITIPETTFQTVSWHFCI
ALGYTNSCLNPVLYAFLDENFKRCFREFCIPTSSTI
;
R
5 'polypeptide(L)' Y(DAL)G(MEA)(ETA) D
#
# COMPACT_ATOMS: atom_id res chain seq x y z
N LEU A 5 18.12 31.92 -4.62
CA LEU A 5 17.60 30.57 -4.54
C LEU A 5 16.24 30.46 -5.22
N SER A 6 16.12 29.47 -6.12
CA SER A 6 14.90 29.14 -6.86
C SER A 6 14.40 30.33 -7.68
N ALA A 7 15.20 30.68 -8.69
CA ALA A 7 14.83 31.77 -9.59
C ALA A 7 14.01 31.28 -10.78
N GLU A 8 14.60 30.39 -11.58
CA GLU A 8 13.91 29.79 -12.71
C GLU A 8 13.22 28.49 -12.34
N ASP A 9 13.64 27.86 -11.25
CA ASP A 9 13.10 26.59 -10.80
C ASP A 9 11.66 26.70 -10.29
N LYS A 10 11.17 27.92 -10.00
CA LYS A 10 9.80 28.08 -9.54
C LYS A 10 8.79 27.72 -10.61
N ALA A 11 9.14 27.89 -11.89
CA ALA A 11 8.29 27.40 -12.96
C ALA A 11 8.22 25.88 -12.95
N ALA A 12 9.35 25.23 -12.64
CA ALA A 12 9.36 23.78 -12.56
C ALA A 12 8.61 23.28 -11.33
N VAL A 13 8.64 24.04 -10.23
CA VAL A 13 7.85 23.64 -9.07
C VAL A 13 6.36 23.89 -9.35
N GLU A 14 6.03 24.88 -10.18
CA GLU A 14 4.65 25.09 -10.59
C GLU A 14 4.16 23.93 -11.46
N ARG A 15 4.99 23.47 -12.38
CA ARG A 15 4.67 22.30 -13.19
C ARG A 15 4.52 21.05 -12.33
N SER A 16 5.47 20.85 -11.40
CA SER A 16 5.47 19.68 -10.53
C SER A 16 4.39 19.75 -9.45
N LYS A 17 3.75 20.90 -9.28
CA LYS A 17 2.56 20.98 -8.45
C LYS A 17 1.30 20.72 -9.25
N MET A 18 1.24 21.22 -10.49
CA MET A 18 0.04 21.02 -11.31
C MET A 18 -0.13 19.57 -11.73
N ILE A 19 0.96 18.92 -12.14
CA ILE A 19 0.80 17.51 -12.53
C ILE A 19 0.68 16.62 -11.30
N ASP A 20 1.16 17.06 -10.14
CA ASP A 20 0.86 16.34 -8.90
C ASP A 20 -0.61 16.46 -8.53
N ARG A 21 -1.23 17.62 -8.82
CA ARG A 21 -2.67 17.76 -8.64
C ARG A 21 -3.43 16.84 -9.59
N ASN A 22 -2.91 16.70 -10.82
CA ASN A 22 -3.51 15.75 -11.75
C ASN A 22 -3.35 14.31 -11.28
N LEU A 23 -2.21 13.97 -10.68
CA LEU A 23 -2.01 12.64 -10.10
C LEU A 23 -2.95 12.41 -8.93
N ARG A 24 -3.20 13.45 -8.13
CA ARG A 24 -4.09 13.32 -6.98
C ARG A 24 -5.53 13.12 -7.42
N GLU A 25 -5.98 13.89 -8.41
CA GLU A 25 -7.36 13.72 -8.86
C GLU A 25 -7.53 12.43 -9.66
N ASP A 26 -6.47 11.96 -10.32
CA ASP A 26 -6.56 10.66 -10.99
C ASP A 26 -6.57 9.51 -9.99
N GLY A 27 -5.84 9.64 -8.87
CA GLY A 27 -5.93 8.65 -7.82
C GLY A 27 -7.27 8.65 -7.13
N GLU A 28 -7.88 9.82 -6.96
CA GLU A 28 -9.23 9.89 -6.43
C GLU A 28 -10.26 9.37 -7.42
N LYS A 29 -9.97 9.47 -8.73
CA LYS A 29 -10.87 8.90 -9.73
C LYS A 29 -10.75 7.38 -9.76
N ALA A 30 -9.54 6.86 -9.54
CA ALA A 30 -9.33 5.42 -9.48
C ALA A 30 -9.70 4.82 -8.13
N ALA A 31 -9.90 5.64 -7.11
CA ALA A 31 -10.28 5.14 -5.80
C ALA A 31 -11.79 4.93 -5.67
N ARG A 32 -12.59 5.82 -6.28
CA ARG A 32 -14.03 5.65 -6.23
C ARG A 32 -14.53 4.58 -7.19
N GLU A 33 -13.69 4.09 -8.09
CA GLU A 33 -14.00 2.87 -8.80
C GLU A 33 -13.66 1.67 -7.92
N VAL A 34 -13.96 0.48 -8.43
CA VAL A 34 -13.79 -0.75 -7.67
C VAL A 34 -13.49 -1.88 -8.66
N LYS A 35 -12.39 -2.59 -8.39
CA LYS A 35 -11.89 -3.64 -9.26
C LYS A 35 -12.27 -4.99 -8.70
N LEU A 36 -12.52 -5.94 -9.60
CA LEU A 36 -12.78 -7.33 -9.22
C LEU A 36 -11.94 -8.24 -10.09
N LEU A 37 -11.09 -9.05 -9.47
CA LEU A 37 -10.40 -10.11 -10.17
C LEU A 37 -11.38 -11.21 -10.55
N LEU A 38 -11.18 -11.82 -11.71
CA LEU A 38 -12.10 -12.84 -12.22
C LEU A 38 -11.29 -14.03 -12.72
N LEU A 39 -11.06 -15.01 -11.84
CA LEU A 39 -10.44 -16.26 -12.23
C LEU A 39 -11.49 -17.23 -12.78
N GLY A 40 -11.10 -18.48 -12.96
CA GLY A 40 -11.99 -19.49 -13.48
C GLY A 40 -11.22 -20.65 -14.05
N ALA A 41 -11.95 -21.73 -14.29
CA ALA A 41 -11.34 -22.92 -14.85
C ALA A 41 -11.28 -22.84 -16.37
N GLY A 42 -10.58 -23.80 -16.97
CA GLY A 42 -10.54 -23.89 -18.42
C GLY A 42 -11.84 -24.48 -18.94
N GLU A 43 -12.44 -23.79 -19.94
CA GLU A 43 -13.76 -24.11 -20.50
C GLU A 43 -14.83 -24.18 -19.42
N SER A 44 -14.74 -23.26 -18.45
CA SER A 44 -15.69 -23.21 -17.35
C SER A 44 -16.98 -22.50 -17.76
N GLY A 45 -16.86 -21.30 -18.31
CA GLY A 45 -18.04 -20.52 -18.60
C GLY A 45 -18.00 -19.16 -17.94
N LYS A 46 -16.81 -18.63 -17.71
CA LYS A 46 -16.70 -17.29 -17.14
C LYS A 46 -17.00 -16.21 -18.17
N SER A 47 -17.03 -16.54 -19.46
CA SER A 47 -17.45 -15.57 -20.46
C SER A 47 -18.95 -15.32 -20.41
N THR A 48 -19.74 -16.21 -19.81
CA THR A 48 -21.15 -15.94 -19.62
C THR A 48 -21.36 -14.90 -18.51
N ILE A 49 -20.52 -14.92 -17.48
CA ILE A 49 -20.68 -13.98 -16.38
C ILE A 49 -19.82 -12.74 -16.60
N VAL A 50 -19.41 -12.51 -17.84
CA VAL A 50 -19.16 -11.17 -18.35
C VAL A 50 -20.09 -10.83 -19.50
N LYS A 51 -21.00 -11.74 -19.85
CA LYS A 51 -22.08 -11.49 -20.80
C LYS A 51 -23.38 -11.15 -20.10
N GLN A 52 -23.61 -11.67 -18.89
CA GLN A 52 -24.76 -11.29 -18.09
C GLN A 52 -24.72 -9.83 -17.68
N MET A 53 -23.52 -9.29 -17.51
CA MET A 53 -23.36 -7.87 -17.22
C MET A 53 -23.52 -7.05 -18.49
N LYS A 54 -23.57 -5.72 -18.31
CA LYS A 54 -23.77 -4.83 -19.46
C LYS A 54 -22.51 -4.75 -20.32
N ILE A 55 -21.36 -4.50 -19.68
CA ILE A 55 -20.03 -4.35 -20.31
C ILE A 55 -20.01 -3.33 -21.44
N THR A 182 -2.30 -11.00 -25.16
CA THR A 182 -2.73 -10.07 -24.13
C THR A 182 -3.10 -10.80 -22.85
N GLY A 183 -2.43 -10.44 -21.75
CA GLY A 183 -2.68 -11.06 -20.47
C GLY A 183 -4.02 -10.69 -19.87
N ILE A 184 -4.17 -9.46 -19.43
CA ILE A 184 -5.44 -9.00 -18.87
C ILE A 184 -6.22 -8.26 -19.94
N VAL A 185 -7.52 -8.47 -19.96
CA VAL A 185 -8.44 -7.64 -20.73
C VAL A 185 -9.52 -7.15 -19.79
N GLU A 186 -9.71 -5.83 -19.75
CA GLU A 186 -10.58 -5.23 -18.77
C GLU A 186 -12.05 -5.45 -19.13
N THR A 187 -12.91 -5.21 -18.16
CA THR A 187 -14.34 -5.06 -18.41
C THR A 187 -14.83 -3.97 -17.45
N HIS A 188 -14.91 -2.75 -17.95
CA HIS A 188 -15.28 -1.59 -17.15
C HIS A 188 -16.75 -1.28 -17.38
N PHE A 189 -17.59 -1.68 -16.44
CA PHE A 189 -19.02 -1.39 -16.54
C PHE A 189 -19.48 -0.73 -15.24
N THR A 190 -20.78 -0.45 -15.15
CA THR A 190 -21.29 0.29 -14.01
C THR A 190 -22.60 -0.33 -13.52
N PHE A 191 -22.89 -0.10 -12.24
CA PHE A 191 -24.17 -0.49 -11.66
C PHE A 191 -24.41 0.40 -10.44
N LYS A 192 -25.27 1.41 -10.61
CA LYS A 192 -25.66 2.37 -9.57
C LYS A 192 -24.44 3.09 -9.00
N ASP A 193 -23.79 3.87 -9.88
CA ASP A 193 -22.65 4.75 -9.56
C ASP A 193 -21.49 4.02 -8.88
N LEU A 194 -21.28 2.76 -9.24
CA LEU A 194 -20.24 1.93 -8.64
C LEU A 194 -19.58 1.19 -9.79
N HIS A 195 -18.51 1.76 -10.33
CA HIS A 195 -17.92 1.29 -11.58
C HIS A 195 -17.06 0.06 -11.33
N PHE A 196 -17.51 -1.09 -11.83
CA PHE A 196 -16.81 -2.35 -11.70
C PHE A 196 -15.79 -2.51 -12.81
N LYS A 197 -14.65 -3.11 -12.47
CA LYS A 197 -13.60 -3.46 -13.43
C LYS A 197 -13.29 -4.94 -13.27
N MET A 198 -13.79 -5.75 -14.18
CA MET A 198 -13.49 -7.17 -14.19
C MET A 198 -12.18 -7.41 -14.93
N PHE A 199 -11.47 -8.44 -14.50
CA PHE A 199 -10.25 -8.88 -15.17
C PHE A 199 -10.35 -10.39 -15.37
N ASP A 200 -10.81 -10.82 -16.54
CA ASP A 200 -10.79 -12.24 -16.88
C ASP A 200 -9.39 -12.58 -17.40
N VAL A 201 -8.50 -12.91 -16.45
CA VAL A 201 -7.08 -13.00 -16.75
C VAL A 201 -6.71 -14.30 -17.46
N GLY A 202 -7.50 -15.36 -17.28
CA GLY A 202 -7.12 -16.73 -17.59
C GLY A 202 -6.68 -17.12 -18.99
N GLY A 203 -6.63 -16.17 -19.92
CA GLY A 203 -6.05 -16.40 -21.22
C GLY A 203 -4.56 -16.10 -21.27
N GLN A 204 -3.91 -16.16 -20.11
CA GLN A 204 -2.48 -15.92 -19.97
C GLN A 204 -1.85 -17.17 -19.38
N ARG A 205 -0.99 -17.83 -20.15
CA ARG A 205 -0.35 -19.07 -19.72
C ARG A 205 1.06 -18.74 -19.24
N SER A 206 1.20 -18.56 -17.93
CA SER A 206 2.48 -18.32 -17.30
C SER A 206 2.38 -18.76 -15.85
N GLU A 207 3.46 -18.57 -15.11
CA GLU A 207 3.48 -18.94 -13.69
C GLU A 207 2.67 -17.92 -12.90
N ARG A 208 1.58 -18.39 -12.27
CA ARG A 208 0.66 -17.52 -11.56
C ARG A 208 1.27 -16.90 -10.31
N LYS A 209 2.32 -17.52 -9.76
CA LYS A 209 2.89 -17.06 -8.50
C LYS A 209 3.58 -15.70 -8.62
N LYS A 210 4.18 -15.41 -9.78
CA LYS A 210 5.00 -14.21 -9.92
C LYS A 210 4.26 -13.05 -10.57
N TRP A 211 2.93 -13.10 -10.67
CA TRP A 211 2.17 -11.91 -11.00
C TRP A 211 0.90 -11.75 -10.18
N ILE A 212 0.57 -12.70 -9.30
CA ILE A 212 -0.65 -12.57 -8.52
C ILE A 212 -0.51 -11.51 -7.43
N HIS A 213 0.73 -11.17 -7.06
CA HIS A 213 0.99 -10.12 -6.08
C HIS A 213 0.65 -8.73 -6.60
N CYS A 214 0.39 -8.57 -7.90
CA CYS A 214 -0.16 -7.32 -8.40
C CYS A 214 -1.61 -7.12 -7.98
N PHE A 215 -2.30 -8.20 -7.57
CA PHE A 215 -3.73 -8.14 -7.35
C PHE A 215 -4.13 -8.12 -5.89
N GLU A 216 -3.19 -7.91 -4.97
CA GLU A 216 -3.61 -7.66 -3.60
C GLU A 216 -4.21 -6.28 -3.51
N GLY A 217 -5.14 -6.11 -2.56
CA GLY A 217 -5.91 -4.90 -2.49
C GLY A 217 -7.08 -4.85 -3.45
N VAL A 218 -7.34 -5.92 -4.20
CA VAL A 218 -8.55 -5.97 -5.01
C VAL A 218 -9.74 -6.15 -4.08
N THR A 219 -10.91 -5.66 -4.52
CA THR A 219 -12.06 -5.64 -3.64
C THR A 219 -12.68 -7.02 -3.47
N ALA A 220 -13.15 -7.61 -4.56
CA ALA A 220 -13.69 -8.95 -4.57
C ALA A 220 -12.96 -9.77 -5.63
N ILE A 221 -13.12 -11.08 -5.57
CA ILE A 221 -12.54 -11.99 -6.55
C ILE A 221 -13.64 -12.92 -7.03
N ILE A 222 -14.15 -12.69 -8.23
CA ILE A 222 -15.10 -13.62 -8.82
C ILE A 222 -14.37 -14.90 -9.20
N PHE A 223 -14.91 -16.04 -8.79
CA PHE A 223 -14.29 -17.32 -9.07
C PHE A 223 -15.33 -18.22 -9.74
N CYS A 224 -15.42 -18.14 -11.07
CA CYS A 224 -16.39 -18.93 -11.81
C CYS A 224 -16.00 -20.40 -11.81
N VAL A 225 -16.95 -21.27 -11.45
CA VAL A 225 -16.77 -22.72 -11.51
C VAL A 225 -17.91 -23.30 -12.31
N ALA A 226 -17.57 -24.13 -13.30
CA ALA A 226 -18.57 -24.74 -14.15
C ALA A 226 -19.39 -25.80 -13.41
N LEU A 227 -20.53 -26.14 -14.00
CA LEU A 227 -21.20 -27.40 -13.75
C LEU A 227 -21.46 -28.14 -15.06
N SER A 228 -20.93 -27.62 -16.17
CA SER A 228 -20.92 -28.31 -17.46
C SER A 228 -19.60 -28.99 -17.74
N ASP A 229 -18.53 -28.55 -17.09
CA ASP A 229 -17.27 -29.30 -17.01
C ASP A 229 -17.21 -30.04 -15.68
N TYR A 230 -18.38 -30.56 -15.27
CA TYR A 230 -18.58 -31.24 -14.01
C TYR A 230 -17.96 -32.63 -13.97
N ASP A 231 -17.94 -33.37 -15.09
CA ASP A 231 -17.41 -34.73 -15.06
C ASP A 231 -16.56 -35.03 -16.30
N LEU A 232 -15.69 -34.09 -16.67
CA LEU A 232 -14.73 -34.32 -17.73
C LEU A 232 -13.32 -34.23 -17.16
N VAL A 233 -12.41 -34.99 -17.77
CA VAL A 233 -11.03 -35.07 -17.29
C VAL A 233 -10.29 -33.76 -17.54
N ASN A 241 -12.35 -35.76 -13.81
CA ASN A 241 -13.21 -34.94 -12.99
C ASN A 241 -12.61 -33.55 -12.77
N ARG A 242 -13.01 -32.60 -13.61
CA ARG A 242 -12.46 -31.24 -13.58
C ARG A 242 -12.86 -30.49 -12.31
N MET A 243 -13.95 -30.91 -11.66
CA MET A 243 -14.40 -30.27 -10.43
C MET A 243 -13.36 -30.34 -9.32
N HIS A 244 -12.59 -31.43 -9.28
CA HIS A 244 -11.53 -31.55 -8.28
C HIS A 244 -10.37 -30.61 -8.59
N GLU A 245 -10.06 -30.37 -9.86
CA GLU A 245 -9.01 -29.40 -10.15
C GLU A 245 -9.51 -27.97 -10.00
N SER A 246 -10.82 -27.75 -10.14
CA SER A 246 -11.39 -26.47 -9.73
C SER A 246 -11.29 -26.29 -8.23
N MET A 247 -11.41 -27.38 -7.46
CA MET A 247 -11.16 -27.31 -6.02
C MET A 247 -9.70 -27.01 -5.72
N LYS A 248 -8.79 -27.59 -6.50
CA LYS A 248 -7.36 -27.30 -6.34
C LYS A 248 -7.06 -25.83 -6.61
N LEU A 249 -7.65 -25.27 -7.66
CA LEU A 249 -7.43 -23.86 -7.97
C LEU A 249 -8.10 -22.94 -6.94
N PHE A 250 -9.28 -23.33 -6.46
CA PHE A 250 -9.97 -22.53 -5.45
C PHE A 250 -9.24 -22.57 -4.11
N ASP A 251 -8.61 -23.70 -3.79
CA ASP A 251 -7.80 -23.78 -2.59
C ASP A 251 -6.49 -23.03 -2.75
N SER A 252 -5.96 -23.01 -3.97
CA SER A 252 -4.72 -22.27 -4.23
C SER A 252 -4.94 -20.76 -4.27
N ILE A 253 -6.16 -20.32 -4.54
CA ILE A 253 -6.44 -18.88 -4.52
C ILE A 253 -7.06 -18.44 -3.19
N CYS A 254 -7.68 -19.35 -2.44
CA CYS A 254 -8.30 -18.97 -1.18
C CYS A 254 -7.30 -18.96 -0.04
N ASN A 255 -6.41 -19.96 0.00
CA ASN A 255 -5.34 -20.00 0.98
C ASN A 255 -4.07 -19.33 0.49
N ASN A 256 -4.16 -18.55 -0.57
CA ASN A 256 -3.00 -17.80 -1.06
C ASN A 256 -2.69 -16.67 -0.08
N LYS A 257 -1.40 -16.42 0.14
CA LYS A 257 -0.99 -15.48 1.17
C LYS A 257 -1.26 -14.03 0.79
N TRP A 258 -1.52 -13.75 -0.48
CA TRP A 258 -1.84 -12.40 -0.90
C TRP A 258 -3.32 -12.08 -0.77
N PHE A 259 -4.16 -13.10 -0.61
CA PHE A 259 -5.60 -12.97 -0.64
C PHE A 259 -6.23 -13.43 0.67
N THR A 260 -5.53 -13.23 1.79
CA THR A 260 -6.02 -13.73 3.06
C THR A 260 -7.17 -12.89 3.61
N ASP A 261 -7.43 -11.72 3.06
CA ASP A 261 -8.51 -10.85 3.51
C ASP A 261 -9.59 -10.65 2.46
N THR A 262 -9.26 -10.77 1.19
CA THR A 262 -10.19 -10.46 0.11
C THR A 262 -11.25 -11.54 0.00
N SER A 263 -12.52 -11.12 -0.02
CA SER A 263 -13.62 -12.02 -0.23
C SER A 263 -13.59 -12.59 -1.64
N ILE A 264 -14.15 -13.79 -1.81
CA ILE A 264 -14.09 -14.50 -3.08
C ILE A 264 -15.49 -14.95 -3.48
N ILE A 265 -16.14 -14.17 -4.33
CA ILE A 265 -17.44 -14.54 -4.88
C ILE A 265 -17.25 -15.71 -5.83
N LEU A 266 -18.18 -16.66 -5.83
CA LEU A 266 -18.14 -17.74 -6.80
C LEU A 266 -19.50 -17.89 -7.45
N PHE A 267 -19.51 -17.91 -8.79
CA PHE A 267 -20.71 -18.12 -9.59
C PHE A 267 -20.67 -19.52 -10.16
N LEU A 268 -21.51 -20.40 -9.63
CA LEU A 268 -21.58 -21.76 -10.14
C LEU A 268 -22.42 -21.72 -11.42
N ASN A 269 -21.75 -21.65 -12.56
CA ASN A 269 -22.47 -21.55 -13.83
C ASN A 269 -23.09 -22.88 -14.22
N LYS A 270 -23.85 -22.83 -15.32
CA LYS A 270 -24.49 -23.99 -15.96
C LYS A 270 -25.43 -24.73 -15.02
N LYS A 271 -26.14 -23.97 -14.18
CA LYS A 271 -27.23 -24.50 -13.38
C LYS A 271 -28.30 -25.15 -14.26
N ASP A 272 -28.62 -24.49 -15.37
CA ASP A 272 -29.66 -24.92 -16.30
C ASP A 272 -29.33 -26.19 -17.07
N LEU A 273 -28.09 -26.67 -16.99
CA LEU A 273 -27.72 -27.98 -17.50
C LEU A 273 -27.34 -28.96 -16.39
N PHE A 274 -26.90 -28.44 -15.24
CA PHE A 274 -26.63 -29.27 -14.09
C PHE A 274 -27.91 -29.92 -13.57
N GLU A 275 -29.03 -29.20 -13.61
CA GLU A 275 -30.26 -29.72 -13.05
C GLU A 275 -30.86 -30.87 -13.85
N GLU A 276 -30.41 -31.10 -15.10
CA GLU A 276 -30.81 -32.29 -15.83
C GLU A 276 -29.62 -33.18 -16.20
N LYS A 277 -28.42 -32.87 -15.73
CA LYS A 277 -27.34 -33.84 -15.75
C LYS A 277 -27.13 -34.53 -14.41
N ILE A 278 -28.02 -34.30 -13.44
CA ILE A 278 -28.04 -35.08 -12.22
C ILE A 278 -29.29 -35.97 -12.14
N LYS A 279 -30.38 -35.60 -12.81
CA LYS A 279 -31.55 -36.46 -12.84
C LYS A 279 -31.33 -37.73 -13.66
N LYS A 280 -30.32 -37.77 -14.53
CA LYS A 280 -29.98 -38.95 -15.32
C LYS A 280 -28.74 -39.66 -14.81
N SER A 281 -27.62 -38.94 -14.67
CA SER A 281 -26.36 -39.47 -14.15
C SER A 281 -26.06 -38.76 -12.84
N PRO A 282 -26.48 -39.32 -11.69
CA PRO A 282 -26.38 -38.59 -10.42
C PRO A 282 -24.95 -38.41 -9.90
N LEU A 283 -24.86 -37.73 -8.77
CA LEU A 283 -23.61 -37.23 -8.24
C LEU A 283 -22.86 -38.26 -7.41
N THR A 284 -23.50 -39.37 -7.06
CA THR A 284 -22.82 -40.44 -6.34
C THR A 284 -21.78 -41.18 -7.18
N ILE A 285 -21.71 -40.93 -8.49
CA ILE A 285 -20.66 -41.50 -9.32
C ILE A 285 -19.31 -40.89 -8.95
N CYS A 286 -19.16 -39.58 -9.17
CA CYS A 286 -17.90 -38.91 -8.92
C CYS A 286 -17.79 -38.34 -7.51
N TYR A 287 -18.60 -38.82 -6.58
CA TYR A 287 -18.41 -38.47 -5.17
C TYR A 287 -18.61 -39.68 -4.28
N PRO A 288 -17.55 -40.17 -3.64
CA PRO A 288 -17.67 -41.40 -2.85
C PRO A 288 -18.45 -41.21 -1.56
N GLU A 289 -18.25 -40.07 -0.89
CA GLU A 289 -18.84 -39.81 0.42
C GLU A 289 -20.21 -39.16 0.34
N TYR A 290 -20.95 -39.36 -0.74
CA TYR A 290 -22.24 -38.73 -0.92
C TYR A 290 -23.35 -39.77 -1.00
N ALA A 291 -24.51 -39.38 -0.49
CA ALA A 291 -25.75 -40.15 -0.60
C ALA A 291 -26.91 -39.20 -0.39
N GLY A 292 -28.12 -39.73 -0.53
CA GLY A 292 -29.31 -38.93 -0.27
C GLY A 292 -29.93 -38.27 -1.48
N SER A 293 -29.77 -36.96 -1.60
CA SER A 293 -30.45 -36.16 -2.61
C SER A 293 -29.80 -36.38 -3.96
N ASN A 294 -30.34 -37.31 -4.74
CA ASN A 294 -29.94 -37.46 -6.14
C ASN A 294 -30.90 -36.71 -7.06
N THR A 295 -31.11 -35.43 -6.74
CA THR A 295 -31.83 -34.47 -7.58
C THR A 295 -30.94 -33.25 -7.75
N TYR A 296 -31.49 -32.15 -8.24
CA TYR A 296 -30.75 -30.89 -8.17
C TYR A 296 -30.74 -30.29 -6.77
N GLU A 297 -31.70 -30.68 -5.93
CA GLU A 297 -32.19 -29.84 -4.82
C GLU A 297 -31.11 -29.58 -3.77
N GLU A 298 -30.56 -30.64 -3.17
CA GLU A 298 -29.48 -30.49 -2.21
C GLU A 298 -28.13 -30.84 -2.80
N ALA A 299 -28.09 -31.56 -3.93
CA ALA A 299 -26.82 -31.95 -4.54
C ALA A 299 -26.03 -30.78 -5.10
N ALA A 300 -26.64 -29.61 -5.28
CA ALA A 300 -25.87 -28.41 -5.55
C ALA A 300 -25.49 -27.69 -4.27
N ALA A 301 -26.31 -27.82 -3.22
CA ALA A 301 -25.94 -27.27 -1.93
C ALA A 301 -24.77 -28.03 -1.32
N TYR A 302 -24.61 -29.30 -1.67
CA TYR A 302 -23.42 -30.04 -1.25
C TYR A 302 -22.16 -29.52 -1.93
N ILE A 303 -22.25 -29.18 -3.21
CA ILE A 303 -21.10 -28.61 -3.91
C ILE A 303 -20.78 -27.23 -3.36
N GLN A 304 -21.81 -26.47 -3.01
CA GLN A 304 -21.60 -25.16 -2.37
C GLN A 304 -20.93 -25.31 -1.01
N CYS A 305 -21.37 -26.28 -0.20
CA CYS A 305 -20.75 -26.50 1.10
C CYS A 305 -19.33 -27.05 0.96
N GLN A 306 -19.07 -27.84 -0.08
CA GLN A 306 -17.75 -28.42 -0.25
C GLN A 306 -16.75 -27.39 -0.80
N PHE A 307 -17.24 -26.37 -1.51
CA PHE A 307 -16.37 -25.24 -1.83
C PHE A 307 -16.18 -24.35 -0.60
N GLU A 308 -17.24 -24.09 0.15
CA GLU A 308 -17.14 -23.19 1.29
C GLU A 308 -16.41 -23.81 2.48
N ASP A 309 -16.17 -25.12 2.46
CA ASP A 309 -15.37 -25.79 3.48
C ASP A 309 -13.90 -25.90 3.07
N LEU A 310 -13.40 -24.96 2.24
CA LEU A 310 -12.01 -24.97 1.82
C LEU A 310 -11.21 -23.80 2.36
N ASN A 311 -11.84 -22.84 3.02
CA ASN A 311 -11.08 -21.77 3.66
C ASN A 311 -10.58 -22.20 5.04
N LYS A 312 -9.26 -22.09 5.25
CA LYS A 312 -8.70 -22.35 6.56
C LYS A 312 -8.94 -21.19 7.51
N ARG A 313 -9.37 -20.05 7.00
CA ARG A 313 -9.50 -18.82 7.78
C ARG A 313 -10.91 -18.28 7.52
N LYS A 314 -11.86 -18.66 8.38
CA LYS A 314 -13.26 -18.35 8.14
C LYS A 314 -13.70 -17.06 8.79
N ASP A 315 -13.00 -16.59 9.82
CA ASP A 315 -13.40 -15.39 10.54
C ASP A 315 -12.84 -14.12 9.92
N THR A 316 -12.18 -14.21 8.77
CA THR A 316 -11.60 -13.05 8.11
C THR A 316 -12.25 -12.77 6.77
N LYS A 317 -12.41 -13.78 5.93
CA LYS A 317 -12.98 -13.61 4.60
C LYS A 317 -14.33 -14.32 4.52
N GLU A 318 -15.22 -13.76 3.71
CA GLU A 318 -16.54 -14.32 3.50
C GLU A 318 -16.65 -14.80 2.05
N ILE A 319 -17.11 -16.03 1.87
CA ILE A 319 -17.22 -16.64 0.56
C ILE A 319 -18.69 -16.61 0.17
N TYR A 320 -19.01 -15.83 -0.85
CA TYR A 320 -20.38 -15.73 -1.33
C TYR A 320 -20.64 -16.78 -2.40
N THR A 321 -21.91 -16.96 -2.74
CA THR A 321 -22.30 -17.95 -3.73
C THR A 321 -23.60 -17.52 -4.38
N HIS A 322 -23.63 -17.50 -5.71
CA HIS A 322 -24.84 -17.25 -6.45
C HIS A 322 -25.01 -18.39 -7.47
N PHE A 323 -26.22 -18.54 -7.97
CA PHE A 323 -26.53 -19.47 -9.04
C PHE A 323 -26.98 -18.67 -10.27
N THR A 324 -26.10 -18.51 -11.24
CA THR A 324 -26.43 -17.72 -12.41
C THR A 324 -27.33 -18.53 -13.35
N CYS A 325 -27.83 -17.86 -14.38
CA CYS A 325 -28.82 -18.45 -15.28
C CYS A 325 -28.74 -17.77 -16.64
N ALA A 326 -29.30 -18.44 -17.64
CA ALA A 326 -29.40 -17.87 -18.98
C ALA A 326 -30.43 -16.75 -19.06
N THR A 327 -31.35 -16.69 -18.11
CA THR A 327 -32.27 -15.57 -17.98
C THR A 327 -32.09 -15.01 -16.57
N ASP A 328 -32.98 -14.10 -16.19
CA ASP A 328 -32.99 -13.42 -14.88
C ASP A 328 -31.66 -12.70 -14.64
N THR A 329 -31.43 -11.68 -15.46
CA THR A 329 -30.18 -10.93 -15.46
C THR A 329 -30.07 -10.03 -14.23
N LYS A 330 -29.89 -10.63 -13.06
CA LYS A 330 -29.72 -9.90 -11.81
C LYS A 330 -28.47 -10.36 -11.09
N ASN A 331 -27.49 -10.89 -11.83
CA ASN A 331 -26.23 -11.29 -11.23
C ASN A 331 -25.44 -10.09 -10.77
N VAL A 332 -25.52 -8.99 -11.52
CA VAL A 332 -24.85 -7.76 -11.15
C VAL A 332 -25.45 -7.16 -9.88
N GLN A 333 -26.71 -7.50 -9.57
CA GLN A 333 -27.25 -7.15 -8.25
C GLN A 333 -26.56 -7.92 -7.14
N PHE A 334 -26.20 -9.18 -7.40
CA PHE A 334 -25.46 -9.96 -6.40
C PHE A 334 -24.03 -9.46 -6.25
N VAL A 335 -23.40 -9.09 -7.38
CA VAL A 335 -22.07 -8.51 -7.33
C VAL A 335 -22.09 -7.19 -6.57
N PHE A 336 -23.12 -6.38 -6.81
CA PHE A 336 -23.28 -5.11 -6.10
C PHE A 336 -23.51 -5.32 -4.62
N ASP A 337 -24.30 -6.34 -4.26
CA ASP A 337 -24.56 -6.63 -2.85
C ASP A 337 -23.31 -7.10 -2.14
N ALA A 338 -22.54 -7.99 -2.77
CA ALA A 338 -21.34 -8.50 -2.11
C ALA A 338 -20.23 -7.45 -2.07
N VAL A 339 -20.10 -6.64 -3.12
CA VAL A 339 -19.11 -5.58 -3.11
C VAL A 339 -19.51 -4.46 -2.14
N THR A 340 -20.81 -4.22 -1.97
CA THR A 340 -21.27 -3.31 -0.92
C THR A 340 -20.95 -3.86 0.48
N ASP A 341 -21.14 -5.17 0.65
CA ASP A 341 -20.83 -5.83 1.90
C ASP A 341 -19.32 -5.86 2.18
N VAL A 342 -18.49 -5.73 1.14
CA VAL A 342 -17.05 -5.59 1.33
C VAL A 342 -16.64 -4.13 1.56
N ILE A 343 -17.30 -3.17 0.92
CA ILE A 343 -17.03 -1.76 1.15
C ILE A 343 -17.41 -1.36 2.57
N ILE A 344 -18.43 -2.00 3.15
CA ILE A 344 -18.73 -1.80 4.57
C ILE A 344 -17.57 -2.22 5.45
N LYS A 345 -17.00 -3.41 5.20
CA LYS A 345 -15.89 -3.90 5.99
C LYS A 345 -14.62 -3.09 5.74
N ASN A 346 -14.46 -2.59 4.53
CA ASN A 346 -13.30 -1.77 4.20
C ASN A 346 -13.38 -0.41 4.89
N ASN A 347 -14.56 0.21 4.92
CA ASN A 347 -14.70 1.47 5.62
C ASN A 347 -14.69 1.31 7.13
N LEU A 348 -15.09 0.14 7.64
CA LEU A 348 -14.91 -0.12 9.07
C LEU A 348 -13.46 -0.31 9.43
N LYS A 349 -12.68 -0.92 8.53
CA LYS A 349 -11.24 -1.02 8.76
C LYS A 349 -10.57 0.35 8.65
N ASP A 350 -11.10 1.22 7.79
CA ASP A 350 -10.51 2.55 7.64
C ASP A 350 -10.88 3.47 8.81
N CYS A 351 -12.12 3.40 9.29
CA CYS A 351 -12.59 4.27 10.36
C CYS A 351 -12.14 3.81 11.74
N GLY A 352 -11.55 2.64 11.86
CA GLY A 352 -11.04 2.17 13.12
C GLY A 352 -11.97 1.28 13.91
N LEU A 353 -13.22 1.11 13.47
CA LEU A 353 -14.12 0.21 14.18
C LEU A 353 -13.76 -1.24 13.90
N PHE A 354 -13.82 -1.63 12.62
CA PHE A 354 -13.53 -2.97 12.10
C PHE A 354 -14.31 -4.11 12.76
N ASP B 9 16.00 -41.84 -26.66
CA ASP B 9 16.33 -41.56 -25.27
C ASP B 9 17.85 -41.42 -25.11
N GLN B 10 18.59 -41.93 -26.10
CA GLN B 10 20.05 -41.78 -26.08
C GLN B 10 20.47 -40.34 -26.36
N LEU B 11 19.60 -39.54 -26.97
CA LEU B 11 19.88 -38.13 -27.16
C LEU B 11 19.78 -37.37 -25.85
N ARG B 12 18.83 -37.77 -25.00
CA ARG B 12 18.80 -37.27 -23.62
C ARG B 12 20.01 -37.75 -22.84
N GLN B 13 20.50 -38.96 -23.14
CA GLN B 13 21.72 -39.44 -22.52
C GLN B 13 22.93 -38.62 -22.95
N GLU B 14 22.96 -38.18 -24.21
CA GLU B 14 24.05 -37.33 -24.68
C GLU B 14 23.94 -35.93 -24.09
N ALA B 15 22.72 -35.42 -23.90
CA ALA B 15 22.53 -34.14 -23.23
C ALA B 15 22.98 -34.21 -21.77
N GLU B 16 22.67 -35.31 -21.09
CA GLU B 16 23.16 -35.48 -19.72
C GLU B 16 24.66 -35.69 -19.69
N GLN B 17 25.23 -36.29 -20.75
CA GLN B 17 26.68 -36.41 -20.82
C GLN B 17 27.34 -35.05 -21.02
N LEU B 18 26.72 -34.16 -21.79
CA LEU B 18 27.28 -32.82 -21.95
C LEU B 18 27.12 -31.99 -20.68
N LYS B 19 26.00 -32.18 -19.96
CA LYS B 19 25.84 -31.46 -18.69
C LYS B 19 26.80 -31.98 -17.64
N ASN B 20 27.03 -33.29 -17.61
CA ASN B 20 28.03 -33.89 -16.73
C ASN B 20 29.44 -33.71 -17.26
N GLN B 21 29.60 -33.12 -18.44
CA GLN B 21 30.90 -32.61 -18.89
C GLN B 21 31.14 -31.18 -18.43
N ILE B 22 30.13 -30.31 -18.56
CA ILE B 22 30.32 -28.91 -18.17
C ILE B 22 30.32 -28.77 -16.66
N ARG B 23 29.81 -29.76 -15.92
CA ARG B 23 30.00 -29.75 -14.48
C ARG B 23 31.36 -30.34 -14.11
N ASP B 24 31.81 -31.35 -14.85
CA ASP B 24 33.08 -31.99 -14.53
C ASP B 24 34.28 -31.14 -14.93
N ALA B 25 34.12 -30.24 -15.90
CA ALA B 25 35.21 -29.33 -16.26
C ALA B 25 35.46 -28.31 -15.16
N ARG B 26 34.40 -27.66 -14.67
CA ARG B 26 34.54 -26.75 -13.55
C ARG B 26 34.66 -27.47 -12.22
N LYS B 27 34.52 -28.79 -12.19
CA LYS B 27 34.92 -29.54 -11.01
C LYS B 27 36.35 -30.06 -11.12
N ALA B 28 36.94 -30.03 -12.31
CA ALA B 28 38.30 -30.54 -12.52
C ALA B 28 39.29 -29.49 -12.96
N CYS B 29 38.84 -28.30 -13.35
CA CYS B 29 39.73 -27.21 -13.74
C CYS B 29 39.35 -25.91 -13.05
N ALA B 30 38.91 -25.99 -11.80
CA ALA B 30 38.60 -24.79 -11.03
C ALA B 30 38.82 -25.10 -9.55
N ASP B 31 39.47 -24.17 -8.85
CA ASP B 31 39.94 -24.34 -7.49
C ASP B 31 39.56 -23.14 -6.64
N ALA B 32 38.24 -22.81 -6.66
CA ALA B 32 37.64 -21.52 -6.34
C ALA B 32 38.26 -20.77 -5.16
N THR B 33 38.22 -21.39 -3.97
CA THR B 33 38.88 -20.97 -2.73
C THR B 33 38.85 -19.48 -2.42
N LEU B 34 37.71 -18.83 -2.66
CA LEU B 34 37.64 -17.39 -2.39
C LEU B 34 37.59 -17.09 -0.90
N SER B 35 37.36 -18.09 -0.05
CA SER B 35 37.62 -17.93 1.38
C SER B 35 39.11 -17.81 1.69
N GLN B 36 39.98 -18.15 0.74
CA GLN B 36 41.40 -17.89 0.86
C GLN B 36 41.81 -16.57 0.22
N ILE B 37 40.95 -15.98 -0.63
CA ILE B 37 41.26 -14.70 -1.29
C ILE B 37 40.43 -13.63 -0.57
N THR B 38 40.11 -13.88 0.70
CA THR B 38 39.60 -12.85 1.57
C THR B 38 40.25 -13.01 2.94
N ASN B 39 41.57 -13.19 2.93
CA ASN B 39 42.37 -13.03 4.14
C ASN B 39 43.25 -11.79 4.09
N ASN B 40 43.36 -11.14 2.93
CA ASN B 40 44.15 -9.93 2.76
C ASN B 40 43.28 -8.68 2.79
N ILE B 41 42.24 -8.65 1.97
CA ILE B 41 41.40 -7.46 1.86
C ILE B 41 40.55 -7.29 3.10
N ASP B 42 40.57 -6.05 3.68
CA ASP B 42 39.95 -5.57 4.92
C ASP B 42 38.55 -5.03 4.65
N PRO B 43 37.61 -5.20 5.60
CA PRO B 43 36.22 -4.82 5.32
C PRO B 43 36.00 -3.32 5.31
N VAL B 44 34.79 -2.88 5.00
CA VAL B 44 34.52 -1.48 4.77
C VAL B 44 33.92 -0.79 5.99
N GLY B 45 34.12 -1.38 7.17
CA GLY B 45 33.57 -0.77 8.38
C GLY B 45 32.07 -0.95 8.42
N ARG B 46 31.35 0.12 8.74
CA ARG B 46 29.90 0.13 8.67
C ARG B 46 29.48 1.31 7.79
N ILE B 47 28.56 1.06 6.88
CA ILE B 47 28.17 2.04 5.87
C ILE B 47 26.93 2.74 6.39
N GLN B 48 27.12 3.95 6.93
CA GLN B 48 26.01 4.74 7.46
C GLN B 48 25.39 5.52 6.31
N MET B 49 24.18 5.14 5.92
CA MET B 49 23.45 5.85 4.89
C MET B 49 22.04 6.17 5.36
N ARG B 50 21.60 7.39 5.07
CA ARG B 50 20.29 7.86 5.46
C ARG B 50 19.53 8.35 4.24
N THR B 51 18.21 8.32 4.33
CA THR B 51 17.36 8.77 3.23
C THR B 51 17.47 10.27 3.07
N ARG B 52 18.15 10.72 2.02
CA ARG B 52 18.23 12.15 1.78
C ARG B 52 16.90 12.71 1.34
N ARG B 53 16.22 12.02 0.44
CA ARG B 53 14.96 12.50 -0.15
C ARG B 53 13.97 11.36 -0.27
N THR B 54 12.71 11.68 -0.01
CA THR B 54 11.60 10.72 -0.06
C THR B 54 10.65 11.19 -1.15
N LEU B 55 10.67 10.51 -2.29
CA LEU B 55 9.87 10.93 -3.43
C LEU B 55 8.45 10.41 -3.26
N ARG B 56 7.51 11.32 -3.04
CA ARG B 56 6.13 11.02 -2.63
C ARG B 56 5.17 11.49 -3.72
N GLY B 57 4.91 10.63 -4.71
CA GLY B 57 4.01 11.01 -5.77
C GLY B 57 3.02 9.96 -6.22
N HIS B 58 3.21 8.72 -5.81
CA HIS B 58 2.36 7.63 -6.25
C HIS B 58 1.25 7.38 -5.23
N LEU B 59 0.22 6.67 -5.69
CA LEU B 59 -0.87 6.24 -4.80
C LEU B 59 -1.07 4.73 -4.86
N ALA B 60 -0.02 3.99 -5.22
CA ALA B 60 -0.12 2.54 -5.35
C ALA B 60 1.27 1.94 -5.12
N LYS B 61 1.33 0.62 -5.22
CA LYS B 61 2.59 -0.10 -5.06
C LYS B 61 3.40 0.01 -6.35
N ILE B 62 4.66 0.39 -6.24
CA ILE B 62 5.45 0.64 -7.43
C ILE B 62 6.24 -0.61 -7.78
N TYR B 63 6.74 -0.67 -9.01
CA TYR B 63 7.39 -1.87 -9.50
C TYR B 63 8.65 -1.61 -10.32
N ALA B 64 9.19 -0.40 -10.32
CA ALA B 64 10.24 -0.11 -11.28
C ALA B 64 11.15 1.00 -10.79
N MET B 65 12.37 1.01 -11.33
CA MET B 65 13.38 2.01 -11.05
C MET B 65 14.51 1.91 -12.08
N HIS B 66 14.83 3.02 -12.75
CA HIS B 66 16.00 3.06 -13.62
C HIS B 66 16.36 4.52 -13.82
N TRP B 67 17.64 4.85 -13.69
CA TRP B 67 18.05 6.23 -13.85
C TRP B 67 18.75 6.41 -15.19
N GLY B 68 18.75 7.66 -15.66
CA GLY B 68 19.48 7.98 -16.86
C GLY B 68 20.96 8.13 -16.61
N THR B 69 21.69 8.49 -17.66
CA THR B 69 23.11 8.72 -17.52
C THR B 69 23.43 10.02 -16.80
N ASP B 70 22.45 10.92 -16.69
CA ASP B 70 22.68 12.20 -16.02
C ASP B 70 22.72 12.09 -14.51
N SER B 71 22.21 10.98 -13.96
CA SER B 71 22.06 10.75 -12.52
C SER B 71 21.25 11.84 -11.82
N ARG B 72 20.30 12.42 -12.53
CA ARG B 72 19.43 13.44 -11.98
C ARG B 72 17.96 13.09 -12.11
N LEU B 73 17.58 12.39 -13.18
CA LEU B 73 16.20 12.02 -13.44
C LEU B 73 16.04 10.50 -13.27
N LEU B 74 15.04 10.09 -12.52
CA LEU B 74 14.67 8.68 -12.44
C LEU B 74 13.27 8.52 -12.99
N VAL B 75 12.80 7.28 -13.08
CA VAL B 75 11.46 6.99 -13.59
C VAL B 75 10.94 5.75 -12.90
N SER B 76 9.66 5.75 -12.56
CA SER B 76 9.08 4.65 -11.81
C SER B 76 7.58 4.59 -12.05
N ALA B 77 7.06 3.38 -12.24
CA ALA B 77 5.63 3.18 -12.42
C ALA B 77 5.05 2.38 -11.27
N SER B 78 3.73 2.40 -11.16
CA SER B 78 3.03 1.71 -10.09
C SER B 78 1.76 1.08 -10.66
N GLN B 79 0.90 0.62 -9.75
CA GLN B 79 -0.32 -0.07 -10.15
C GLN B 79 -1.36 0.88 -10.71
N ASP B 80 -1.28 2.17 -10.41
CA ASP B 80 -2.28 3.12 -10.87
C ASP B 80 -2.06 3.59 -12.31
N GLY B 81 -1.04 3.06 -12.99
CA GLY B 81 -0.85 3.38 -14.39
C GLY B 81 -0.27 4.76 -14.64
N LYS B 82 0.56 5.25 -13.73
CA LYS B 82 1.14 6.60 -13.83
C LYS B 82 2.64 6.46 -13.65
N LEU B 83 3.43 6.20 -14.68
CA LEU B 83 4.85 6.13 -14.45
C LEU B 83 5.29 7.57 -14.61
N ILE B 84 5.90 8.14 -13.56
CA ILE B 84 6.27 9.54 -13.40
C ILE B 84 7.78 9.64 -13.41
N ILE B 85 8.30 10.66 -14.09
CA ILE B 85 9.73 10.87 -14.22
C ILE B 85 10.11 11.85 -13.12
N TRP B 86 10.73 11.35 -12.06
CA TRP B 86 11.08 12.17 -10.92
C TRP B 86 12.30 13.04 -11.22
N ASP B 87 12.67 13.83 -10.22
CA ASP B 87 13.91 14.58 -10.19
C ASP B 87 14.57 14.30 -8.86
N SER B 88 15.85 13.98 -8.88
CA SER B 88 16.54 13.54 -7.68
C SER B 88 17.21 14.67 -6.91
N TYR B 89 17.48 15.80 -7.58
CA TYR B 89 18.13 16.90 -6.89
C TYR B 89 17.16 17.83 -6.17
N THR B 90 15.97 18.03 -6.74
CA THR B 90 15.04 19.02 -6.23
C THR B 90 13.70 18.44 -5.81
N THR B 91 13.59 17.11 -5.72
CA THR B 91 12.44 16.32 -5.22
C THR B 91 11.21 16.46 -6.14
N ASN B 92 11.30 17.24 -7.21
CA ASN B 92 10.14 17.62 -8.02
C ASN B 92 9.80 16.50 -8.99
N LYS B 93 8.91 16.81 -9.92
CA LYS B 93 8.54 15.91 -11.01
C LYS B 93 8.72 16.68 -12.30
N VAL B 94 8.88 15.95 -13.41
CA VAL B 94 8.93 16.65 -14.70
C VAL B 94 7.88 16.08 -15.64
N HIS B 95 7.47 14.83 -15.44
CA HIS B 95 6.48 14.21 -16.30
C HIS B 95 5.66 13.22 -15.48
N ALA B 96 4.38 13.11 -15.82
CA ALA B 96 3.49 12.11 -15.23
C ALA B 96 2.75 11.48 -16.40
N ILE B 97 3.33 10.43 -16.98
CA ILE B 97 2.83 9.91 -18.24
C ILE B 97 1.61 9.05 -18.00
N PRO B 98 0.47 9.34 -18.64
CA PRO B 98 -0.67 8.43 -18.57
C PRO B 98 -0.46 7.23 -19.49
N LEU B 99 -1.02 6.10 -19.06
CA LEU B 99 -0.91 4.89 -19.87
C LEU B 99 -2.14 4.02 -19.68
N ARG B 100 -2.24 3.00 -20.53
CA ARG B 100 -3.38 2.10 -20.54
C ARG B 100 -3.09 0.78 -19.84
N SER B 101 -1.92 0.19 -20.09
CA SER B 101 -1.55 -1.11 -19.54
C SER B 101 -1.20 -0.92 -18.07
N SER B 102 -2.23 -0.80 -17.24
CA SER B 102 -2.08 -0.28 -15.88
C SER B 102 -1.36 -1.23 -14.94
N TRP B 103 -1.14 -2.48 -15.31
CA TRP B 103 -0.49 -3.45 -14.44
C TRP B 103 0.98 -3.55 -14.78
N VAL B 104 1.69 -2.44 -14.56
CA VAL B 104 3.06 -2.28 -15.03
C VAL B 104 3.99 -3.11 -14.15
N MET B 105 4.86 -3.89 -14.79
CA MET B 105 5.86 -4.66 -14.07
C MET B 105 7.24 -4.01 -14.02
N THR B 106 7.56 -3.14 -14.97
CA THR B 106 8.92 -2.61 -15.06
C THR B 106 8.95 -1.34 -15.87
N CYS B 107 10.08 -0.65 -15.83
CA CYS B 107 10.35 0.52 -16.65
C CYS B 107 11.79 0.50 -17.10
N ALA B 108 12.14 1.51 -17.88
CA ALA B 108 13.52 1.73 -18.29
C ALA B 108 13.69 3.20 -18.56
N TYR B 109 14.91 3.58 -18.92
CA TYR B 109 15.21 4.96 -19.27
C TYR B 109 16.40 4.88 -20.21
N ALA B 110 16.25 5.42 -21.42
CA ALA B 110 17.28 5.28 -22.43
C ALA B 110 18.52 6.07 -22.04
N PRO B 111 19.71 5.62 -22.48
CA PRO B 111 20.94 6.35 -22.14
C PRO B 111 21.03 7.74 -22.74
N SER B 112 20.31 8.01 -23.83
CA SER B 112 20.25 9.38 -24.32
C SER B 112 19.36 10.26 -23.47
N GLY B 113 18.45 9.66 -22.70
CA GLY B 113 17.49 10.41 -21.93
C GLY B 113 16.24 10.79 -22.67
N ASN B 114 16.12 10.41 -23.94
CA ASN B 114 14.99 10.84 -24.75
C ASN B 114 13.77 9.95 -24.56
N TYR B 115 13.95 8.67 -24.26
CA TYR B 115 12.86 7.72 -24.22
C TYR B 115 12.78 7.06 -22.84
N VAL B 116 11.56 6.82 -22.37
CA VAL B 116 11.33 5.88 -21.28
C VAL B 116 10.68 4.64 -21.87
N ALA B 117 10.64 3.58 -21.08
CA ALA B 117 9.95 2.37 -21.48
C ALA B 117 8.98 1.97 -20.39
N CYS B 118 7.91 1.31 -20.79
CA CYS B 118 6.95 0.73 -19.88
C CYS B 118 6.96 -0.78 -20.11
N GLY B 119 5.99 -1.45 -19.55
CA GLY B 119 5.83 -2.87 -19.79
C GLY B 119 5.20 -3.55 -18.61
N GLY B 120 4.21 -4.38 -18.86
CA GLY B 120 3.45 -4.90 -17.76
C GLY B 120 2.93 -6.30 -17.95
N LEU B 121 1.63 -6.47 -17.72
CA LEU B 121 1.02 -7.78 -17.65
C LEU B 121 0.13 -8.03 -18.87
N ASP B 122 0.37 -7.31 -19.96
CA ASP B 122 -0.44 -7.50 -21.16
C ASP B 122 0.39 -7.46 -22.43
N ASN B 123 1.63 -7.95 -22.37
CA ASN B 123 2.48 -8.22 -23.55
C ASN B 123 2.79 -6.98 -24.37
N ILE B 124 2.85 -5.81 -23.73
CA ILE B 124 3.09 -4.57 -24.44
C ILE B 124 4.25 -3.86 -23.77
N CYS B 125 5.33 -3.63 -24.53
CA CYS B 125 6.46 -2.85 -24.07
C CYS B 125 6.32 -1.45 -24.65
N SER B 126 5.53 -0.62 -23.97
CA SER B 126 5.30 0.75 -24.41
C SER B 126 6.57 1.57 -24.20
N ILE B 127 7.17 2.03 -25.29
CA ILE B 127 8.29 2.96 -25.23
C ILE B 127 7.79 4.33 -25.65
N TYR B 128 8.14 5.34 -24.88
CA TYR B 128 7.55 6.67 -25.00
C TYR B 128 8.57 7.65 -25.54
N ASN B 129 8.07 8.74 -26.11
CA ASN B 129 8.90 9.82 -26.59
C ASN B 129 8.70 11.00 -25.66
N LEU B 130 9.79 11.65 -25.27
CA LEU B 130 9.73 12.73 -24.28
C LEU B 130 10.09 14.08 -24.90
N LYS B 131 11.26 14.19 -25.50
CA LYS B 131 11.70 15.44 -26.11
C LYS B 131 11.09 15.55 -27.51
N THR B 132 9.78 15.82 -27.53
CA THR B 132 9.05 15.99 -28.77
C THR B 132 8.43 17.37 -28.82
N ARG B 133 8.30 17.90 -30.03
CA ARG B 133 7.82 19.24 -30.21
C ARG B 133 6.31 19.30 -30.04
N GLU B 134 5.82 20.51 -29.79
CA GLU B 134 4.39 20.87 -29.86
C GLU B 134 3.52 20.09 -28.88
N GLY B 135 4.09 19.65 -27.77
CA GLY B 135 3.27 19.08 -26.72
C GLY B 135 4.06 18.23 -25.75
N ASN B 136 3.32 17.52 -24.92
CA ASN B 136 3.84 16.65 -23.88
C ASN B 136 4.29 15.30 -24.42
N VAL B 137 4.41 14.32 -23.51
CA VAL B 137 4.85 12.97 -23.85
C VAL B 137 3.89 12.30 -24.84
N ARG B 138 4.38 11.23 -25.47
CA ARG B 138 3.62 10.57 -26.53
C ARG B 138 4.13 9.14 -26.65
N VAL B 139 3.20 8.21 -26.85
CA VAL B 139 3.55 6.81 -27.09
C VAL B 139 4.20 6.72 -28.46
N SER B 140 5.45 6.24 -28.50
CA SER B 140 6.12 6.12 -29.78
C SER B 140 5.68 4.87 -30.53
N ARG B 141 5.88 3.70 -29.94
CA ARG B 141 5.44 2.44 -30.52
C ARG B 141 4.75 1.60 -29.46
N GLU B 142 3.87 0.71 -29.91
CA GLU B 142 3.17 -0.26 -29.07
C GLU B 142 3.79 -1.63 -29.37
N LEU B 143 4.85 -1.96 -28.64
CA LEU B 143 5.56 -3.21 -28.89
C LEU B 143 4.76 -4.39 -28.37
N ALA B 144 4.40 -5.30 -29.28
CA ALA B 144 3.73 -6.53 -28.94
C ALA B 144 4.40 -7.67 -29.68
N GLY B 145 4.06 -8.89 -29.28
CA GLY B 145 4.63 -10.06 -29.92
C GLY B 145 4.90 -11.21 -28.97
N HIS B 146 4.76 -10.97 -27.68
CA HIS B 146 4.95 -12.04 -26.70
C HIS B 146 3.62 -12.70 -26.39
N THR B 147 3.60 -13.55 -25.37
CA THR B 147 2.40 -14.31 -25.03
C THR B 147 2.10 -14.18 -23.54
N GLY B 148 3.13 -14.04 -22.72
CA GLY B 148 2.98 -13.98 -21.29
C GLY B 148 2.85 -12.58 -20.73
N TYR B 149 3.89 -12.10 -20.06
CA TYR B 149 3.89 -10.76 -19.50
C TYR B 149 5.31 -10.22 -19.50
N LEU B 150 5.45 -8.93 -19.77
CA LEU B 150 6.75 -8.28 -19.67
C LEU B 150 7.21 -8.27 -18.23
N SER B 151 8.51 -8.42 -18.02
CA SER B 151 9.00 -8.45 -16.65
C SER B 151 10.17 -7.50 -16.42
N CYS B 152 11.05 -7.33 -17.40
CA CYS B 152 12.13 -6.36 -17.28
C CYS B 152 12.44 -5.83 -18.67
N CYS B 153 12.59 -4.52 -18.78
CA CYS B 153 12.86 -3.85 -20.03
C CYS B 153 14.12 -3.02 -19.89
N ARG B 154 15.00 -3.08 -20.88
CA ARG B 154 16.23 -2.31 -20.89
C ARG B 154 16.48 -1.81 -22.29
N PHE B 155 17.15 -0.66 -22.40
CA PHE B 155 17.53 -0.11 -23.69
C PHE B 155 18.99 -0.40 -23.99
N LEU B 156 19.25 -0.87 -25.21
CA LEU B 156 20.62 -0.86 -25.73
C LEU B 156 20.97 0.53 -26.22
N ASP B 157 20.17 1.05 -27.15
CA ASP B 157 20.38 2.34 -27.79
C ASP B 157 19.02 3.01 -27.86
N ASP B 158 18.89 4.02 -28.70
CA ASP B 158 17.57 4.57 -29.00
C ASP B 158 16.87 3.85 -30.14
N ASN B 159 17.54 2.90 -30.80
CA ASN B 159 16.90 2.07 -31.80
C ASN B 159 16.55 0.69 -31.29
N GLN B 160 17.43 0.08 -30.52
CA GLN B 160 17.28 -1.31 -30.11
C GLN B 160 16.79 -1.40 -28.68
N ILE B 161 16.16 -2.53 -28.36
CA ILE B 161 15.63 -2.79 -27.03
C ILE B 161 15.58 -4.29 -26.78
N VAL B 162 16.09 -4.73 -25.63
CA VAL B 162 15.97 -6.11 -25.18
C VAL B 162 15.02 -6.13 -24.00
N THR B 163 14.28 -7.21 -23.87
CA THR B 163 13.37 -7.36 -22.74
C THR B 163 13.45 -8.77 -22.18
N SER B 164 12.51 -9.07 -21.29
CA SER B 164 12.48 -10.33 -20.54
C SER B 164 11.00 -10.62 -20.26
N SER B 165 10.37 -11.39 -21.14
CA SER B 165 8.93 -11.54 -21.11
C SER B 165 8.53 -12.92 -20.64
N GLY B 166 7.51 -12.97 -19.79
CA GLY B 166 7.10 -14.18 -19.09
C GLY B 166 6.65 -15.38 -19.90
N ASP B 167 6.66 -15.29 -21.23
CA ASP B 167 6.50 -16.48 -22.06
C ASP B 167 7.84 -17.09 -22.46
N THR B 168 8.71 -17.29 -21.44
CA THR B 168 9.88 -18.17 -21.45
C THR B 168 11.03 -17.61 -22.31
N THR B 169 10.78 -16.54 -23.06
CA THR B 169 11.74 -16.04 -24.03
C THR B 169 12.18 -14.63 -23.68
N CYS B 170 13.24 -14.18 -24.34
CA CYS B 170 13.62 -12.78 -24.35
C CYS B 170 13.63 -12.28 -25.79
N ALA B 171 13.63 -10.97 -25.96
CA ALA B 171 13.54 -10.41 -27.30
C ALA B 171 14.41 -9.18 -27.44
N LEU B 172 14.83 -8.94 -28.69
CA LEU B 172 15.55 -7.74 -29.11
C LEU B 172 14.88 -7.22 -30.37
N TRP B 173 14.43 -5.98 -30.32
CA TRP B 173 13.66 -5.36 -31.40
C TRP B 173 14.45 -4.30 -32.13
N ASP B 174 13.74 -3.64 -33.05
CA ASP B 174 14.01 -2.28 -33.47
C ASP B 174 12.78 -1.46 -33.15
N ILE B 175 12.99 -0.23 -32.68
CA ILE B 175 11.86 0.65 -32.41
C ILE B 175 11.20 1.11 -33.69
N GLU B 176 11.99 1.42 -34.72
CA GLU B 176 11.45 1.94 -35.98
C GLU B 176 10.69 0.91 -36.80
N THR B 177 10.79 -0.38 -36.48
CA THR B 177 9.99 -1.40 -37.14
C THR B 177 9.03 -2.12 -36.20
N GLY B 178 9.37 -2.25 -34.92
CA GLY B 178 8.54 -2.98 -33.98
C GLY B 178 8.66 -4.48 -34.03
N GLN B 179 9.47 -5.02 -34.95
CA GLN B 179 9.55 -6.44 -35.18
C GLN B 179 10.64 -7.07 -34.34
N GLN B 180 10.40 -8.31 -33.90
CA GLN B 180 11.38 -9.03 -33.10
C GLN B 180 12.56 -9.43 -33.97
N THR B 181 13.60 -8.61 -34.01
CA THR B 181 14.73 -8.90 -34.88
C THR B 181 15.63 -9.98 -34.32
N THR B 182 15.55 -10.27 -33.02
CA THR B 182 16.25 -11.42 -32.48
C THR B 182 15.45 -11.98 -31.31
N THR B 183 15.16 -13.27 -31.36
CA THR B 183 14.52 -13.96 -30.25
C THR B 183 15.57 -14.70 -29.43
N PHE B 184 15.23 -14.97 -28.18
CA PHE B 184 16.13 -15.65 -27.26
C PHE B 184 15.31 -16.75 -26.58
N THR B 185 15.44 -17.98 -27.08
CA THR B 185 14.67 -19.13 -26.61
C THR B 185 15.64 -20.13 -25.98
N GLY B 186 15.77 -20.10 -24.67
CA GLY B 186 16.65 -21.04 -24.02
C GLY B 186 16.18 -21.55 -22.67
N HIS B 187 15.00 -21.13 -22.24
CA HIS B 187 14.53 -21.45 -20.91
C HIS B 187 13.44 -22.50 -20.97
N THR B 188 13.11 -23.06 -19.80
CA THR B 188 11.94 -23.90 -19.63
C THR B 188 10.93 -23.30 -18.67
N GLY B 189 11.22 -22.11 -18.14
CA GLY B 189 10.30 -21.41 -17.26
C GLY B 189 10.28 -19.94 -17.60
N ASP B 190 9.50 -19.19 -16.83
CA ASP B 190 9.31 -17.77 -17.10
C ASP B 190 10.54 -16.99 -16.70
N VAL B 191 10.96 -16.06 -17.56
CA VAL B 191 12.05 -15.17 -17.19
C VAL B 191 11.52 -14.05 -16.33
N MET B 192 12.36 -13.55 -15.44
CA MET B 192 11.91 -12.58 -14.45
C MET B 192 12.77 -11.33 -14.43
N SER B 193 14.05 -11.44 -14.76
CA SER B 193 14.90 -10.25 -14.70
C SER B 193 15.91 -10.26 -15.83
N LEU B 194 16.47 -9.08 -16.05
CA LEU B 194 17.26 -8.79 -17.24
C LEU B 194 18.22 -7.68 -16.87
N SER B 195 19.48 -7.79 -17.29
CA SER B 195 20.40 -6.68 -17.05
C SER B 195 21.48 -6.67 -18.11
N LEU B 196 22.09 -5.50 -18.27
CA LEU B 196 22.97 -5.16 -19.36
C LEU B 196 24.40 -4.92 -18.89
N ALA B 197 25.27 -4.74 -19.86
CA ALA B 197 26.70 -4.57 -19.72
C ALA B 197 27.11 -3.13 -19.97
N PRO B 198 28.32 -2.73 -19.57
CA PRO B 198 28.83 -1.42 -20.00
C PRO B 198 28.99 -1.26 -21.50
N ASP B 199 29.23 -2.34 -22.25
CA ASP B 199 29.33 -2.21 -23.70
C ASP B 199 28.04 -2.57 -24.44
N THR B 200 27.03 -3.07 -23.71
CA THR B 200 25.69 -3.42 -24.21
C THR B 200 25.74 -4.42 -25.36
N ARG B 201 26.74 -5.30 -25.38
CA ARG B 201 26.87 -6.34 -26.39
C ARG B 201 26.33 -7.67 -25.90
N LEU B 202 26.42 -7.92 -24.59
CA LEU B 202 26.05 -9.19 -24.00
C LEU B 202 25.24 -8.90 -22.74
N PHE B 203 24.04 -9.46 -22.65
CA PHE B 203 23.19 -9.23 -21.50
C PHE B 203 22.94 -10.54 -20.77
N VAL B 204 22.30 -10.47 -19.61
CA VAL B 204 22.00 -11.65 -18.82
C VAL B 204 20.54 -11.62 -18.39
N SER B 205 19.93 -12.80 -18.34
CA SER B 205 18.52 -12.95 -18.02
C SER B 205 18.36 -14.05 -16.99
N GLY B 206 17.57 -13.77 -15.96
CA GLY B 206 17.30 -14.72 -14.90
C GLY B 206 15.84 -15.11 -14.86
N ALA B 207 15.60 -16.41 -14.66
CA ALA B 207 14.31 -17.02 -14.95
C ALA B 207 13.80 -17.83 -13.78
N CYS B 208 12.65 -18.48 -13.99
CA CYS B 208 12.09 -19.44 -13.04
C CYS B 208 12.76 -20.79 -13.10
N ASP B 209 13.72 -21.00 -13.99
CA ASP B 209 14.44 -22.26 -14.11
C ASP B 209 15.57 -22.40 -13.11
N ALA B 210 15.68 -21.45 -12.17
CA ALA B 210 16.85 -21.30 -11.28
C ALA B 210 18.14 -21.22 -12.08
N SER B 211 18.09 -20.54 -13.22
CA SER B 211 19.22 -20.44 -14.13
C SER B 211 19.26 -19.05 -14.72
N ALA B 212 20.41 -18.42 -14.68
CA ALA B 212 20.62 -17.10 -15.24
C ALA B 212 21.54 -17.27 -16.44
N LYS B 213 20.99 -17.13 -17.63
CA LYS B 213 21.77 -17.33 -18.83
C LYS B 213 22.30 -16.01 -19.37
N LEU B 214 23.48 -16.07 -19.96
CA LEU B 214 24.07 -14.93 -20.66
C LEU B 214 23.76 -15.07 -22.14
N TRP B 215 22.99 -14.13 -22.65
CA TRP B 215 22.71 -14.03 -24.07
C TRP B 215 23.58 -12.94 -24.68
N ASP B 216 23.77 -13.01 -25.99
CA ASP B 216 24.41 -11.91 -26.70
C ASP B 216 23.53 -11.50 -27.87
N VAL B 217 23.61 -10.23 -28.25
CA VAL B 217 22.76 -9.70 -29.30
C VAL B 217 23.48 -9.80 -30.64
N ARG B 218 24.64 -10.47 -30.64
CA ARG B 218 25.35 -10.72 -31.89
C ARG B 218 24.64 -11.79 -32.71
N GLU B 219 24.45 -12.97 -32.13
CA GLU B 219 23.78 -14.07 -32.80
C GLU B 219 22.38 -14.32 -32.27
N GLY B 220 22.25 -14.54 -30.97
CA GLY B 220 20.99 -14.93 -30.38
C GLY B 220 21.11 -16.22 -29.60
N MET B 221 22.28 -16.84 -29.65
CA MET B 221 22.54 -18.08 -28.94
C MET B 221 23.34 -17.79 -27.68
N CYS B 222 22.91 -18.38 -26.57
CA CYS B 222 23.55 -18.12 -25.27
C CYS B 222 24.94 -18.73 -25.24
N ARG B 223 25.85 -18.02 -24.56
CA ARG B 223 27.23 -18.48 -24.50
C ARG B 223 27.50 -19.26 -23.23
N GLN B 224 26.92 -18.86 -22.11
CA GLN B 224 27.07 -19.57 -20.85
C GLN B 224 25.70 -19.79 -20.23
N THR B 225 25.68 -20.62 -19.18
CA THR B 225 24.45 -20.96 -18.46
C THR B 225 24.84 -21.23 -17.02
N PHE B 226 24.09 -20.65 -16.08
CA PHE B 226 24.47 -20.63 -14.66
C PHE B 226 23.35 -21.17 -13.79
N THR B 227 23.45 -22.45 -13.43
CA THR B 227 22.55 -23.04 -12.46
C THR B 227 23.13 -22.87 -11.06
N GLY B 228 22.37 -23.28 -10.05
CA GLY B 228 22.88 -23.25 -8.69
C GLY B 228 21.86 -22.89 -7.65
N HIS B 229 20.79 -22.22 -8.04
CA HIS B 229 19.75 -21.85 -7.10
C HIS B 229 18.81 -23.03 -6.82
N GLU B 230 17.94 -22.84 -5.83
CA GLU B 230 16.89 -23.79 -5.53
C GLU B 230 15.50 -23.34 -5.96
N SER B 231 15.30 -22.04 -6.19
CA SER B 231 13.98 -21.54 -6.52
C SER B 231 14.12 -20.49 -7.62
N ASP B 232 13.03 -19.76 -7.85
CA ASP B 232 12.99 -18.71 -8.84
C ASP B 232 13.94 -17.58 -8.46
N ILE B 233 14.57 -17.00 -9.47
CA ILE B 233 15.47 -15.88 -9.26
C ILE B 233 14.83 -14.62 -9.83
N ASN B 234 14.97 -13.52 -9.11
CA ASN B 234 14.12 -12.36 -9.36
C ASN B 234 14.90 -11.07 -9.56
N ALA B 235 16.23 -11.12 -9.54
CA ALA B 235 17.00 -9.92 -9.82
C ALA B 235 18.35 -10.32 -10.39
N ILE B 236 18.73 -9.71 -11.52
CA ILE B 236 20.05 -9.89 -12.10
C ILE B 236 20.68 -8.51 -12.22
N CYS B 237 21.98 -8.41 -11.95
CA CYS B 237 22.71 -7.21 -12.36
C CYS B 237 24.16 -7.53 -12.63
N PHE B 238 24.67 -7.05 -13.77
CA PHE B 238 26.09 -7.14 -14.06
C PHE B 238 26.92 -6.32 -13.09
N PHE B 239 28.07 -6.87 -12.74
CA PHE B 239 29.12 -6.12 -12.08
C PHE B 239 29.63 -5.05 -13.04
N PRO B 240 30.08 -3.90 -12.52
CA PRO B 240 30.53 -2.81 -13.43
C PRO B 240 31.76 -3.14 -14.27
N ASN B 241 32.49 -4.21 -13.97
CA ASN B 241 33.55 -4.66 -14.87
C ASN B 241 33.01 -5.43 -16.06
N GLY B 242 31.74 -5.82 -16.05
CA GLY B 242 31.19 -6.63 -17.11
C GLY B 242 31.69 -8.05 -17.13
N ASN B 243 32.15 -8.56 -15.98
CA ASN B 243 32.71 -9.91 -15.91
C ASN B 243 32.17 -10.69 -14.72
N ALA B 244 31.10 -10.22 -14.11
CA ALA B 244 30.43 -10.90 -13.01
C ALA B 244 29.00 -10.38 -12.95
N PHE B 245 28.13 -11.15 -12.32
CA PHE B 245 26.77 -10.66 -12.12
C PHE B 245 26.15 -11.30 -10.89
N ALA B 246 25.37 -10.50 -10.18
CA ALA B 246 24.72 -10.94 -8.96
C ALA B 246 23.29 -11.35 -9.29
N THR B 247 22.88 -12.50 -8.76
CA THR B 247 21.53 -13.00 -8.90
C THR B 247 20.91 -13.05 -7.51
N GLY B 248 19.77 -12.38 -7.37
CA GLY B 248 18.97 -12.47 -6.17
C GLY B 248 17.71 -13.26 -6.45
N SER B 249 17.35 -14.13 -5.50
CA SER B 249 16.36 -15.16 -5.71
C SER B 249 15.44 -15.26 -4.51
N ASP B 250 14.47 -16.17 -4.58
CA ASP B 250 13.63 -16.48 -3.44
C ASP B 250 14.26 -17.49 -2.49
N ASP B 251 15.52 -17.83 -2.71
CA ASP B 251 16.30 -18.69 -1.82
C ASP B 251 17.05 -17.90 -0.76
N ALA B 252 16.68 -16.61 -0.58
CA ALA B 252 17.35 -15.67 0.32
C ALA B 252 18.83 -15.56 0.01
N THR B 253 19.17 -15.62 -1.27
CA THR B 253 20.54 -15.87 -1.70
C THR B 253 20.85 -14.98 -2.89
N CYS B 254 21.66 -13.96 -2.70
CA CYS B 254 22.09 -13.07 -3.78
C CYS B 254 23.48 -13.49 -4.27
N ARG B 255 23.56 -14.68 -4.85
CA ARG B 255 24.87 -15.24 -5.16
C ARG B 255 25.49 -14.58 -6.39
N LEU B 256 26.81 -14.44 -6.36
CA LEU B 256 27.56 -13.69 -7.37
C LEU B 256 28.21 -14.66 -8.34
N PHE B 257 27.67 -14.74 -9.54
CA PHE B 257 28.22 -15.58 -10.59
C PHE B 257 29.33 -14.87 -11.32
N ASP B 258 30.28 -15.65 -11.82
CA ASP B 258 31.43 -15.15 -12.57
C ASP B 258 31.18 -15.41 -14.04
N LEU B 259 32.04 -14.87 -14.90
CA LEU B 259 31.95 -15.17 -16.32
C LEU B 259 33.20 -15.81 -16.89
N ARG B 260 34.38 -15.35 -16.49
CA ARG B 260 35.61 -15.98 -16.97
C ARG B 260 35.87 -17.30 -16.24
N ALA B 261 35.60 -17.35 -14.94
CA ALA B 261 35.74 -18.60 -14.22
C ALA B 261 34.59 -19.55 -14.50
N ASP B 262 33.38 -18.98 -14.67
CA ASP B 262 32.17 -19.69 -15.07
C ASP B 262 31.76 -20.75 -14.05
N GLN B 263 31.52 -20.29 -12.83
CA GLN B 263 30.68 -20.97 -11.86
C GLN B 263 30.25 -19.97 -10.80
N GLU B 264 29.49 -20.46 -9.83
CA GLU B 264 29.10 -19.66 -8.67
C GLU B 264 30.34 -19.25 -7.88
N LEU B 265 30.64 -17.97 -7.89
CA LEU B 265 31.90 -17.51 -7.32
C LEU B 265 31.79 -17.34 -5.80
N MET B 266 30.74 -16.68 -5.32
CA MET B 266 30.52 -16.56 -3.88
C MET B 266 29.04 -16.32 -3.61
N THR B 267 28.57 -16.83 -2.47
CA THR B 267 27.15 -16.86 -2.15
C THR B 267 26.86 -16.05 -0.90
N TYR B 268 25.74 -15.33 -0.90
CA TYR B 268 25.42 -14.34 0.13
C TYR B 268 24.13 -14.75 0.81
N SER B 269 24.23 -15.15 2.08
CA SER B 269 23.04 -15.54 2.81
C SER B 269 23.31 -15.37 4.30
N HIS B 270 22.45 -14.61 4.97
CA HIS B 270 22.53 -14.44 6.40
C HIS B 270 21.58 -15.44 7.04
N ASP B 271 21.76 -15.68 8.35
CA ASP B 271 21.14 -16.83 8.99
C ASP B 271 19.65 -16.62 9.21
N ASN B 272 19.24 -15.45 9.68
CA ASN B 272 17.86 -15.24 10.11
C ASN B 272 16.92 -14.84 8.98
N ILE B 273 17.32 -15.00 7.72
CA ILE B 273 16.52 -14.57 6.58
C ILE B 273 15.89 -15.79 5.92
N ILE B 274 14.56 -15.78 5.81
CA ILE B 274 13.82 -16.76 5.03
C ILE B 274 13.16 -16.10 3.81
N CYS B 275 13.07 -14.77 3.82
CA CYS B 275 12.35 -14.04 2.78
C CYS B 275 13.14 -13.99 1.49
N GLY B 276 12.52 -13.39 0.47
CA GLY B 276 13.03 -13.40 -0.88
C GLY B 276 13.64 -12.07 -1.31
N ILE B 277 14.02 -12.02 -2.58
CA ILE B 277 14.69 -10.88 -3.18
C ILE B 277 13.82 -10.33 -4.30
N THR B 278 13.71 -9.01 -4.37
CA THR B 278 13.04 -8.39 -5.49
C THR B 278 13.95 -7.50 -6.33
N SER B 279 15.07 -7.04 -5.78
CA SER B 279 16.01 -6.24 -6.56
C SER B 279 17.42 -6.38 -6.02
N VAL B 280 18.39 -6.32 -6.94
CA VAL B 280 19.82 -6.40 -6.62
C VAL B 280 20.54 -5.38 -7.50
N SER B 281 21.44 -4.60 -6.92
CA SER B 281 22.30 -3.71 -7.70
C SER B 281 23.65 -3.55 -7.00
N PHE B 282 24.64 -3.10 -7.75
CA PHE B 282 25.97 -2.83 -7.22
C PHE B 282 26.17 -1.33 -7.03
N SER B 283 27.33 -0.97 -6.49
CA SER B 283 27.82 0.41 -6.58
C SER B 283 28.53 0.60 -7.91
N LYS B 284 29.10 1.79 -8.13
CA LYS B 284 29.82 1.97 -9.39
C LYS B 284 31.23 1.40 -9.33
N SER B 285 31.73 1.06 -8.15
CA SER B 285 32.95 0.28 -8.02
C SER B 285 32.66 -1.20 -7.78
N GLY B 286 31.64 -1.51 -7.02
CA GLY B 286 31.20 -2.88 -6.85
C GLY B 286 31.71 -3.58 -5.61
N ARG B 287 32.27 -2.85 -4.65
CA ARG B 287 32.66 -3.48 -3.39
C ARG B 287 31.43 -3.85 -2.58
N LEU B 288 30.35 -3.11 -2.73
CA LEU B 288 29.17 -3.37 -1.93
C LEU B 288 27.96 -3.56 -2.83
N LEU B 289 27.12 -4.51 -2.44
CA LEU B 289 26.00 -5.00 -3.23
C LEU B 289 24.69 -4.59 -2.56
N LEU B 290 23.79 -3.98 -3.32
CA LEU B 290 22.56 -3.42 -2.77
C LEU B 290 21.43 -4.43 -2.95
N ALA B 291 21.37 -5.39 -2.03
CA ALA B 291 20.34 -6.41 -2.11
C ALA B 291 19.04 -5.86 -1.55
N GLY B 292 17.94 -6.11 -2.25
CA GLY B 292 16.65 -5.69 -1.76
C GLY B 292 15.78 -6.85 -1.33
N TYR B 293 15.62 -7.01 -0.03
CA TYR B 293 14.96 -8.17 0.53
C TYR B 293 13.45 -7.97 0.67
N ASP B 294 12.77 -9.07 1.01
CA ASP B 294 11.35 -9.06 1.32
C ASP B 294 11.07 -8.96 2.80
N ASP B 295 12.07 -8.53 3.59
CA ASP B 295 11.89 -8.25 5.00
C ASP B 295 11.47 -6.82 5.25
N PHE B 296 10.76 -6.21 4.29
CA PHE B 296 10.30 -4.82 4.26
C PHE B 296 11.45 -3.83 4.31
N ASN B 297 12.65 -4.25 3.94
CA ASN B 297 13.82 -3.38 3.94
C ASN B 297 14.78 -3.86 2.86
N CYS B 298 16.02 -3.40 2.93
CA CYS B 298 17.05 -3.80 1.99
C CYS B 298 18.40 -3.62 2.69
N ASN B 299 19.39 -4.40 2.26
CA ASN B 299 20.69 -4.34 2.92
C ASN B 299 21.81 -4.20 1.91
N VAL B 300 23.01 -3.99 2.45
CA VAL B 300 24.21 -3.70 1.70
C VAL B 300 25.24 -4.73 2.10
N TRP B 301 25.50 -5.68 1.21
CA TRP B 301 26.52 -6.71 1.41
C TRP B 301 27.87 -6.18 0.98
N ASP B 302 28.92 -6.76 1.53
CA ASP B 302 30.28 -6.46 1.10
C ASP B 302 30.65 -7.48 0.04
N ALA B 303 30.64 -7.06 -1.23
CA ALA B 303 30.63 -7.98 -2.35
C ALA B 303 31.99 -8.60 -2.67
N LEU B 304 32.97 -8.53 -1.77
CA LEU B 304 34.19 -9.30 -1.91
C LEU B 304 34.58 -10.01 -0.61
N LYS B 305 33.72 -9.95 0.41
CA LYS B 305 33.96 -10.63 1.67
C LYS B 305 32.79 -11.45 2.17
N ALA B 306 31.66 -11.44 1.45
CA ALA B 306 30.44 -12.20 1.77
C ALA B 306 29.86 -11.85 3.14
N ASP B 307 30.12 -10.63 3.60
CA ASP B 307 29.67 -10.18 4.91
C ASP B 307 28.72 -9.02 4.73
N ARG B 308 27.79 -8.86 5.67
CA ARG B 308 26.90 -7.72 5.62
C ARG B 308 27.63 -6.48 6.10
N ALA B 309 27.43 -5.37 5.39
CA ALA B 309 28.08 -4.11 5.75
C ALA B 309 27.10 -2.98 6.01
N GLY B 310 25.81 -3.19 5.77
CA GLY B 310 24.83 -2.17 6.15
C GLY B 310 23.42 -2.71 6.02
N VAL B 311 22.50 -2.07 6.75
CA VAL B 311 21.08 -2.35 6.65
C VAL B 311 20.36 -1.04 6.39
N LEU B 312 19.68 -0.95 5.25
CA LEU B 312 18.97 0.27 4.87
C LEU B 312 17.47 0.13 5.13
N ALA B 313 17.13 -0.02 6.41
CA ALA B 313 15.73 -0.11 6.82
C ALA B 313 15.14 1.28 6.86
N GLY B 314 14.31 1.60 5.87
CA GLY B 314 13.64 2.89 5.85
C GLY B 314 12.23 2.81 5.31
N HIS B 315 11.75 1.59 5.10
CA HIS B 315 10.43 1.36 4.52
C HIS B 315 9.53 0.66 5.50
N ASP B 316 8.25 0.58 5.14
CA ASP B 316 7.27 -0.19 5.88
C ASP B 316 6.78 -1.42 5.13
N ASN B 317 7.07 -1.51 3.84
CA ASN B 317 6.66 -2.63 3.01
C ASN B 317 7.86 -3.07 2.17
N ARG B 318 7.69 -4.13 1.39
CA ARG B 318 8.81 -4.72 0.68
C ARG B 318 9.24 -3.86 -0.50
N VAL B 319 10.56 -3.82 -0.74
CA VAL B 319 11.07 -3.09 -1.89
C VAL B 319 10.79 -3.89 -3.16
N SER B 320 10.78 -3.18 -4.28
CA SER B 320 10.52 -3.79 -5.58
C SER B 320 11.68 -3.59 -6.55
N CYS B 321 12.20 -2.37 -6.65
CA CYS B 321 13.30 -2.09 -7.56
C CYS B 321 14.27 -1.14 -6.89
N LEU B 322 15.54 -1.22 -7.29
CA LEU B 322 16.59 -0.52 -6.57
C LEU B 322 17.65 -0.11 -7.60
N GLY B 323 17.70 1.17 -7.93
CA GLY B 323 18.62 1.68 -8.94
C GLY B 323 19.74 2.48 -8.32
N VAL B 324 20.95 2.29 -8.84
CA VAL B 324 22.14 3.02 -8.43
C VAL B 324 22.66 3.77 -9.64
N THR B 325 23.17 4.98 -9.43
CA THR B 325 23.47 5.90 -10.51
C THR B 325 24.70 5.46 -11.30
N ASP B 326 25.06 6.26 -12.29
CA ASP B 326 26.31 6.04 -13.01
C ASP B 326 27.50 6.62 -12.28
N ASP B 327 27.32 7.75 -11.61
CA ASP B 327 28.40 8.35 -10.82
C ASP B 327 28.40 7.87 -9.37
N GLY B 328 27.54 6.94 -9.02
CA GLY B 328 27.58 6.31 -7.71
C GLY B 328 27.13 7.18 -6.57
N MET B 329 26.42 8.28 -6.84
CA MET B 329 26.08 9.18 -5.75
C MET B 329 24.90 8.70 -4.90
N ALA B 330 24.11 7.74 -5.39
CA ALA B 330 22.87 7.44 -4.70
C ALA B 330 22.40 6.04 -5.03
N VAL B 331 21.53 5.52 -4.18
CA VAL B 331 20.69 4.38 -4.50
C VAL B 331 19.25 4.87 -4.46
N ALA B 332 18.34 4.05 -4.97
CA ALA B 332 16.93 4.46 -5.02
C ALA B 332 16.06 3.24 -4.72
N THR B 333 15.72 3.05 -3.46
CA THR B 333 14.95 1.90 -3.03
C THR B 333 13.47 2.24 -3.13
N GLY B 334 12.76 1.55 -4.01
CA GLY B 334 11.35 1.82 -4.18
C GLY B 334 10.45 0.73 -3.62
N SER B 335 9.76 1.01 -2.52
CA SER B 335 8.99 -0.02 -1.87
C SER B 335 7.55 0.00 -2.36
N TRP B 336 6.75 -0.96 -1.86
CA TRP B 336 5.33 -1.00 -2.16
C TRP B 336 4.52 -0.06 -1.27
N ASP B 337 5.16 0.65 -0.35
CA ASP B 337 4.51 1.66 0.45
C ASP B 337 4.48 3.02 -0.25
N SER B 338 4.64 3.02 -1.58
CA SER B 338 4.53 4.16 -2.48
C SER B 338 5.57 5.26 -2.22
N PHE B 339 6.56 5.01 -1.38
CA PHE B 339 7.54 6.02 -0.97
C PHE B 339 8.90 5.50 -1.41
N LEU B 340 9.36 5.91 -2.58
CA LEU B 340 10.67 5.50 -3.05
C LEU B 340 11.71 6.47 -2.48
N LYS B 341 12.65 5.93 -1.72
CA LYS B 341 13.67 6.74 -1.07
C LYS B 341 14.85 6.96 -1.99
N ILE B 342 15.73 7.88 -1.60
CA ILE B 342 17.04 8.05 -2.22
C ILE B 342 18.04 8.10 -1.08
N TRP B 343 18.71 6.98 -0.82
CA TRP B 343 19.70 6.94 0.24
C TRP B 343 21.02 7.49 -0.27
N ASN B 344 21.91 7.78 0.66
CA ASN B 344 23.27 8.22 0.33
C ASN B 344 24.17 8.03 1.54
N ILE C 9 11.84 -34.53 -29.76
CA ILE C 9 13.27 -34.30 -29.80
C ILE C 9 13.63 -33.07 -30.63
N ALA C 10 12.61 -32.28 -31.00
CA ALA C 10 12.87 -31.02 -31.68
C ALA C 10 13.36 -29.96 -30.70
N GLN C 11 13.11 -30.14 -29.41
CA GLN C 11 13.66 -29.29 -28.36
C GLN C 11 14.83 -29.93 -27.65
N ALA C 12 14.86 -31.27 -27.57
CA ALA C 12 15.95 -31.96 -26.90
C ALA C 12 17.24 -31.86 -27.70
N ARG C 13 17.15 -31.91 -29.03
CA ARG C 13 18.35 -31.71 -29.85
C ARG C 13 18.80 -30.25 -29.83
N LYS C 14 17.88 -29.31 -29.58
CA LYS C 14 18.29 -27.94 -29.33
C LYS C 14 19.08 -27.84 -28.03
N LEU C 15 18.70 -28.62 -27.01
CA LEU C 15 19.47 -28.66 -25.77
C LEU C 15 20.82 -29.31 -25.97
N VAL C 16 20.88 -30.34 -26.82
CA VAL C 16 22.16 -30.98 -27.15
C VAL C 16 23.07 -30.02 -27.89
N GLU C 17 22.54 -29.27 -28.87
CA GLU C 17 23.36 -28.31 -29.58
C GLU C 17 23.77 -27.15 -28.69
N GLN C 18 22.91 -26.77 -27.74
CA GLN C 18 23.25 -25.68 -26.83
C GLN C 18 24.36 -26.09 -25.87
N LEU C 19 24.26 -27.27 -25.26
CA LEU C 19 25.32 -27.72 -24.36
C LEU C 19 26.57 -28.16 -25.13
N LYS C 20 26.44 -28.51 -26.40
CA LYS C 20 27.63 -28.82 -27.19
C LYS C 20 28.36 -27.55 -27.61
N MET C 21 27.62 -26.46 -27.84
CA MET C 21 28.24 -25.16 -28.06
C MET C 21 28.81 -24.60 -26.77
N GLU C 22 28.20 -24.92 -25.63
CA GLU C 22 28.61 -24.38 -24.35
C GLU C 22 29.71 -25.20 -23.68
N ALA C 23 29.97 -26.42 -24.17
CA ALA C 23 30.99 -27.26 -23.55
C ALA C 23 32.40 -26.76 -23.81
N ASN C 24 32.67 -26.21 -24.99
CA ASN C 24 34.01 -25.75 -25.33
C ASN C 24 34.13 -24.22 -25.13
N ILE C 25 34.08 -23.84 -23.85
CA ILE C 25 34.38 -22.48 -23.42
C ILE C 25 35.62 -22.55 -22.53
N ASP C 26 36.61 -21.72 -22.84
CA ASP C 26 37.90 -21.76 -22.15
C ASP C 26 37.75 -21.24 -20.73
N ARG C 27 37.81 -22.15 -19.76
CA ARG C 27 37.76 -21.77 -18.36
C ARG C 27 39.07 -21.13 -17.93
N ILE C 28 39.04 -20.47 -16.78
CA ILE C 28 40.23 -20.02 -16.09
C ILE C 28 39.97 -20.14 -14.60
N LYS C 29 40.93 -20.68 -13.87
CA LYS C 29 40.65 -20.99 -12.47
C LYS C 29 40.66 -19.75 -11.61
N VAL C 30 39.94 -19.82 -10.49
CA VAL C 30 39.35 -18.63 -9.88
C VAL C 30 40.35 -17.84 -9.05
N SER C 31 41.56 -18.37 -8.84
CA SER C 31 42.62 -17.53 -8.31
C SER C 31 43.07 -16.50 -9.34
N LYS C 32 42.87 -16.78 -10.62
CA LYS C 32 43.21 -15.86 -11.70
C LYS C 32 42.02 -15.05 -12.20
N ALA C 33 40.80 -15.38 -11.76
CA ALA C 33 39.61 -14.70 -12.25
C ALA C 33 38.66 -14.23 -11.15
N ALA C 34 39.07 -14.31 -9.90
CA ALA C 34 38.43 -13.56 -8.83
C ALA C 34 39.38 -12.62 -8.11
N ALA C 35 40.68 -12.86 -8.18
CA ALA C 35 41.65 -11.87 -7.72
C ALA C 35 41.65 -10.65 -8.61
N ASP C 36 41.22 -10.79 -9.88
CA ASP C 36 41.03 -9.61 -10.71
C ASP C 36 39.81 -8.81 -10.28
N LEU C 37 38.81 -9.47 -9.69
CA LEU C 37 37.67 -8.75 -9.13
C LEU C 37 38.06 -7.97 -7.87
N MET C 38 39.12 -8.39 -7.18
CA MET C 38 39.64 -7.64 -6.05
C MET C 38 40.60 -6.55 -6.50
N ALA C 39 41.39 -6.82 -7.53
CA ALA C 39 42.33 -5.82 -8.03
C ALA C 39 41.64 -4.72 -8.82
N TYR C 40 40.46 -5.02 -9.40
CA TYR C 40 39.63 -3.99 -10.02
C TYR C 40 39.13 -3.01 -8.98
N CYS C 41 38.38 -3.51 -8.00
CA CYS C 41 37.72 -2.66 -7.03
C CYS C 41 38.67 -2.22 -5.91
N GLU C 42 39.94 -2.63 -5.97
CA GLU C 42 40.98 -1.99 -5.20
C GLU C 42 41.51 -0.74 -5.90
N ALA C 43 41.39 -0.67 -7.21
CA ALA C 43 41.76 0.51 -7.99
C ALA C 43 40.55 1.35 -8.39
N HIS C 44 39.45 1.21 -7.67
CA HIS C 44 38.30 2.10 -7.83
C HIS C 44 37.69 2.46 -6.48
N ALA C 45 38.50 2.42 -5.43
CA ALA C 45 38.03 2.84 -4.12
C ALA C 45 37.91 4.36 -4.02
N LYS C 46 38.62 5.10 -4.87
CA LYS C 46 38.50 6.55 -4.85
C LYS C 46 37.19 7.00 -5.47
N GLU C 47 36.79 6.39 -6.58
CA GLU C 47 35.56 6.78 -7.28
C GLU C 47 34.37 5.95 -6.80
N ASP C 48 34.12 5.93 -5.51
CA ASP C 48 32.95 5.21 -5.01
C ASP C 48 32.35 5.96 -3.84
N PRO C 49 31.21 6.63 -4.03
CA PRO C 49 30.63 7.45 -2.96
C PRO C 49 29.77 6.70 -1.95
N LEU C 50 29.85 5.37 -1.90
CA LEU C 50 29.20 4.61 -0.84
C LEU C 50 30.18 3.86 0.06
N LEU C 51 31.43 3.70 -0.38
CA LEU C 51 32.46 3.14 0.50
C LEU C 51 32.80 4.11 1.62
N THR C 52 33.36 5.26 1.26
CA THR C 52 33.66 6.32 2.20
C THR C 52 32.72 7.48 1.91
N PRO C 53 31.91 7.91 2.88
CA PRO C 53 30.89 8.93 2.59
C PRO C 53 31.50 10.28 2.24
N VAL C 54 31.09 10.80 1.08
CA VAL C 54 31.60 12.04 0.52
C VAL C 54 30.89 13.20 1.21
N PRO C 55 31.60 14.24 1.65
CA PRO C 55 30.94 15.37 2.30
C PRO C 55 30.13 16.22 1.32
N ALA C 56 29.44 17.21 1.87
CA ALA C 56 28.47 18.00 1.11
C ALA C 56 29.12 18.98 0.13
N SER C 57 30.45 19.12 0.15
CA SER C 57 31.12 19.96 -0.84
C SER C 57 31.02 19.37 -2.24
N GLU C 58 31.01 18.05 -2.36
CA GLU C 58 30.81 17.39 -3.63
C GLU C 58 29.48 16.65 -3.73
N ASN C 59 28.83 16.38 -2.61
CA ASN C 59 27.53 15.73 -2.63
C ASN C 59 26.47 16.73 -3.09
N PRO C 60 25.67 16.39 -4.10
CA PRO C 60 24.60 17.31 -4.51
C PRO C 60 23.31 17.11 -3.73
N PHE C 61 23.37 16.40 -2.62
CA PHE C 61 22.19 16.18 -1.79
C PHE C 61 22.30 16.95 -0.47
N MET D 63 -13.67 26.14 54.30
CA MET D 63 -12.46 25.98 55.09
C MET D 63 -11.28 25.58 54.19
N VAL D 64 -10.79 24.36 54.36
CA VAL D 64 -9.55 23.93 53.72
C VAL D 64 -9.85 23.18 52.42
N THR D 65 -11.03 23.38 51.86
CA THR D 65 -11.33 22.77 50.58
C THR D 65 -10.88 23.62 49.40
N ALA D 66 -10.60 24.90 49.63
CA ALA D 66 -10.35 25.84 48.55
C ALA D 66 -8.98 25.67 47.91
N ILE D 67 -8.04 25.05 48.61
CA ILE D 67 -6.73 24.73 48.03
C ILE D 67 -6.61 23.24 47.70
N THR D 68 -7.46 22.39 48.26
CA THR D 68 -7.45 20.96 47.99
C THR D 68 -8.26 20.63 46.72
N ILE D 69 -9.29 21.43 46.43
CA ILE D 69 -10.09 21.23 45.22
C ILE D 69 -9.28 21.51 43.96
N MET D 70 -8.24 22.35 44.06
CA MET D 70 -7.47 22.75 42.88
C MET D 70 -6.64 21.61 42.33
N ALA D 71 -6.14 20.72 43.20
CA ALA D 71 -5.38 19.57 42.74
C ALA D 71 -6.26 18.58 41.99
N LEU D 72 -7.43 18.26 42.56
CA LEU D 72 -8.35 17.34 41.90
C LEU D 72 -9.14 17.98 40.76
N TYR D 73 -9.08 19.31 40.63
CA TYR D 73 -9.69 20.03 39.53
C TYR D 73 -8.74 20.29 38.37
N SER D 74 -7.44 20.39 38.66
CA SER D 74 -6.41 20.48 37.63
C SER D 74 -5.77 19.13 37.33
N ILE D 75 -6.17 18.07 38.04
CA ILE D 75 -5.80 16.72 37.63
C ILE D 75 -6.46 16.38 36.30
N VAL D 76 -7.67 16.92 36.07
CA VAL D 76 -8.31 16.80 34.77
C VAL D 76 -7.48 17.51 33.70
N CYS D 77 -6.94 18.69 34.03
CA CYS D 77 -6.05 19.40 33.12
C CYS D 77 -4.80 18.61 32.80
N VAL D 78 -4.17 18.03 33.83
CA VAL D 78 -2.92 17.29 33.64
C VAL D 78 -3.16 16.03 32.81
N VAL D 79 -4.19 15.26 33.17
CA VAL D 79 -4.45 13.98 32.50
C VAL D 79 -4.93 14.21 31.06
N GLY D 80 -5.83 15.19 30.87
CA GLY D 80 -6.31 15.44 29.53
C GLY D 80 -5.27 16.08 28.63
N LEU D 81 -4.41 16.92 29.20
CA LEU D 81 -3.34 17.54 28.41
C LEU D 81 -2.30 16.50 28.01
N PHE D 82 -1.97 15.59 28.93
CA PHE D 82 -1.04 14.50 28.61
C PHE D 82 -1.63 13.57 27.54
N GLY D 83 -2.91 13.22 27.67
CA GLY D 83 -3.53 12.34 26.70
C GLY D 83 -3.67 12.97 25.32
N ASN D 84 -4.10 14.24 25.27
CA ASN D 84 -4.27 14.90 23.98
C ASN D 84 -2.93 15.20 23.31
N PHE D 85 -1.90 15.54 24.10
CA PHE D 85 -0.58 15.68 23.49
C PHE D 85 -0.03 14.35 23.01
N LEU D 86 -0.33 13.26 23.73
CA LEU D 86 0.05 11.93 23.26
C LEU D 86 -0.63 11.59 21.93
N VAL D 87 -1.90 11.96 21.80
CA VAL D 87 -2.65 11.61 20.59
C VAL D 87 -2.18 12.47 19.41
N MET D 88 -2.02 13.78 19.61
CA MET D 88 -1.56 14.61 18.50
C MET D 88 -0.10 14.31 18.13
N TYR D 89 0.69 13.86 19.10
CA TYR D 89 2.06 13.45 18.79
C TYR D 89 2.10 12.15 17.99
N VAL D 90 1.28 11.16 18.37
CA VAL D 90 1.31 9.90 17.64
C VAL D 90 0.67 10.06 16.26
N ILE D 91 -0.25 11.01 16.10
CA ILE D 91 -0.78 11.30 14.77
C ILE D 91 0.27 11.99 13.90
N VAL D 92 0.94 13.00 14.45
CA VAL D 92 1.93 13.73 13.66
C VAL D 92 3.23 12.96 13.45
N ARG D 93 3.45 11.87 14.20
CA ARG D 93 4.70 11.14 14.09
C ARG D 93 4.55 9.69 13.62
N TYR D 94 3.34 9.16 13.48
CA TYR D 94 3.20 7.79 13.01
C TYR D 94 2.13 7.55 11.96
N THR D 95 1.23 8.50 11.71
CA THR D 95 0.20 8.33 10.70
C THR D 95 0.29 9.31 9.55
N LYS D 96 0.91 10.48 9.76
CA LYS D 96 1.20 11.51 8.74
C LYS D 96 -0.06 12.08 8.07
N MET D 97 -1.22 11.92 8.71
CA MET D 97 -2.50 12.49 8.27
C MET D 97 -2.87 12.05 6.85
N LYS D 98 -2.59 10.79 6.54
CA LYS D 98 -2.76 10.31 5.17
C LYS D 98 -4.20 9.95 4.84
N THR D 99 -4.94 9.39 5.80
CA THR D 99 -6.32 9.02 5.58
C THR D 99 -7.25 10.07 6.16
N ALA D 100 -8.56 9.86 5.97
CA ALA D 100 -9.55 10.83 6.40
C ALA D 100 -9.76 10.81 7.90
N THR D 101 -9.63 9.63 8.54
CA THR D 101 -10.02 9.47 9.93
C THR D 101 -9.05 10.18 10.87
N ASN D 102 -7.75 10.11 10.56
CA ASN D 102 -6.76 10.76 11.42
C ASN D 102 -6.83 12.27 11.37
N ILE D 103 -7.42 12.84 10.31
CA ILE D 103 -7.69 14.28 10.27
C ILE D 103 -8.70 14.66 11.35
N TYR D 104 -9.78 13.88 11.47
CA TYR D 104 -10.79 14.15 12.49
C TYR D 104 -10.24 13.87 13.89
N ILE D 105 -9.41 12.84 14.01
CA ILE D 105 -8.83 12.51 15.32
C ILE D 105 -7.87 13.60 15.77
N PHE D 106 -7.05 14.13 14.85
CA PHE D 106 -6.17 15.24 15.19
C PHE D 106 -6.95 16.52 15.47
N ASN D 107 -8.08 16.72 14.77
CA ASN D 107 -8.96 17.85 15.07
C ASN D 107 -9.49 17.78 16.49
N LEU D 108 -10.05 16.63 16.86
CA LEU D 108 -10.61 16.47 18.21
C LEU D 108 -9.52 16.53 19.26
N ALA D 109 -8.33 16.01 18.96
CA ALA D 109 -7.22 16.06 19.91
C ALA D 109 -6.74 17.48 20.14
N LEU D 110 -6.64 18.30 19.07
CA LEU D 110 -6.22 19.68 19.22
C LEU D 110 -7.27 20.52 19.93
N ALA D 111 -8.54 20.35 19.54
CA ALA D 111 -9.62 21.12 20.15
C ALA D 111 -9.86 20.70 21.59
N ASP D 112 -9.51 19.47 21.95
CA ASP D 112 -9.57 19.08 23.35
C ASP D 112 -8.34 19.55 24.12
N ALA D 113 -7.18 19.57 23.46
CA ALA D 113 -5.94 19.96 24.13
C ALA D 113 -5.95 21.43 24.51
N LEU D 114 -6.48 22.30 23.64
CA LEU D 114 -6.44 23.73 23.94
C LEU D 114 -7.40 24.06 25.08
N ALA D 115 -8.60 23.48 25.05
CA ALA D 115 -9.55 23.68 26.13
C ALA D 115 -9.08 23.02 27.42
N THR D 116 -8.30 21.93 27.33
CA THR D 116 -7.79 21.28 28.53
C THR D 116 -6.67 22.11 29.16
N SER D 117 -5.82 22.71 28.33
CA SER D 117 -4.82 23.66 28.81
C SER D 117 -5.45 24.93 29.36
N THR D 118 -6.69 25.23 28.96
CA THR D 118 -7.39 26.39 29.52
C THR D 118 -7.78 26.19 30.99
N LEU D 119 -8.07 24.94 31.40
CA LEU D 119 -8.59 24.58 32.74
C LEU D 119 -7.99 25.19 34.00
N PRO D 120 -6.68 25.49 34.11
CA PRO D 120 -6.22 26.18 35.33
C PRO D 120 -6.69 27.61 35.43
N PHE D 121 -7.11 28.23 34.33
CA PHE D 121 -7.52 29.62 34.38
C PHE D 121 -8.87 29.77 35.07
N GLN D 122 -9.73 28.76 34.98
CA GLN D 122 -10.97 28.78 35.76
C GLN D 122 -10.74 28.39 37.21
N SER D 123 -9.59 27.80 37.54
CA SER D 123 -9.35 27.32 38.90
C SER D 123 -9.09 28.46 39.88
N VAL D 124 -8.46 29.54 39.42
CA VAL D 124 -8.17 30.67 40.31
C VAL D 124 -9.44 31.41 40.68
N ASN D 125 -10.52 31.25 39.92
CA ASN D 125 -11.78 31.93 40.17
C ASN D 125 -12.60 31.31 41.30
N TYR D 126 -12.01 30.44 42.12
CA TYR D 126 -12.62 30.04 43.38
C TYR D 126 -11.75 30.40 44.57
N LEU D 127 -10.46 30.10 44.52
CA LEU D 127 -9.57 30.39 45.64
C LEU D 127 -9.24 31.88 45.69
N MET D 128 -8.77 32.44 44.57
CA MET D 128 -8.42 33.86 44.54
C MET D 128 -9.67 34.74 44.61
N GLY D 129 -10.79 34.25 44.11
CA GLY D 129 -12.03 35.00 44.14
C GLY D 129 -12.22 35.86 42.91
N THR D 130 -11.10 36.26 42.32
CA THR D 130 -11.06 37.20 41.22
C THR D 130 -10.81 36.47 39.90
N TRP D 131 -10.55 37.26 38.87
CA TRP D 131 -9.91 36.89 37.61
C TRP D 131 -8.58 37.63 37.62
N PRO D 132 -7.56 37.12 38.29
CA PRO D 132 -6.31 37.88 38.47
C PRO D 132 -5.38 37.77 37.26
N PHE D 133 -5.94 37.92 36.07
CA PHE D 133 -5.21 37.84 34.82
C PHE D 133 -5.33 39.14 34.05
N GLY D 134 -6.06 40.11 34.58
CA GLY D 134 -6.30 41.35 33.88
C GLY D 134 -7.28 41.19 32.73
N ASN D 135 -7.55 42.30 32.06
CA ASN D 135 -8.41 42.27 30.89
C ASN D 135 -7.69 41.70 29.67
N ILE D 136 -6.36 41.55 29.74
CA ILE D 136 -5.54 41.14 28.61
C ILE D 136 -5.65 39.64 28.35
N LEU D 137 -6.41 38.93 29.20
CA LEU D 137 -6.66 37.51 28.98
C LEU D 137 -8.12 37.11 29.04
N CYS D 138 -9.02 37.96 29.55
CA CYS D 138 -10.41 37.55 29.75
C CYS D 138 -11.12 37.31 28.44
N LYS D 139 -11.02 38.28 27.50
CA LYS D 139 -11.65 38.16 26.20
C LYS D 139 -11.08 36.97 25.42
N ILE D 140 -9.76 36.80 25.51
CA ILE D 140 -9.08 35.74 24.76
C ILE D 140 -9.47 34.38 25.28
N VAL D 141 -9.48 34.20 26.60
CA VAL D 141 -9.77 32.90 27.21
C VAL D 141 -11.25 32.54 27.05
N ILE D 142 -12.15 33.51 27.17
CA ILE D 142 -13.57 33.23 26.92
C ILE D 142 -13.80 32.87 25.45
N SER D 143 -13.10 33.55 24.54
CA SER D 143 -13.27 33.25 23.12
C SER D 143 -12.75 31.85 22.77
N ILE D 144 -11.58 31.49 23.28
CA ILE D 144 -11.08 30.15 22.94
C ILE D 144 -11.80 29.06 23.71
N ASP D 145 -12.38 29.36 24.88
CA ASP D 145 -13.19 28.36 25.58
C ASP D 145 -14.49 28.07 24.83
N TYR D 146 -15.27 29.11 24.55
CA TYR D 146 -16.50 28.96 23.78
C TYR D 146 -16.27 28.65 22.31
N TYR D 147 -15.03 28.69 21.84
CA TYR D 147 -14.66 28.29 20.50
C TYR D 147 -14.27 26.82 20.44
N ASN D 148 -13.39 26.38 21.35
CA ASN D 148 -12.95 25.01 21.36
C ASN D 148 -14.00 24.07 21.92
N MET D 149 -14.95 24.56 22.72
CA MET D 149 -16.07 23.72 23.13
C MET D 149 -16.93 23.34 21.93
N PHE D 150 -17.36 24.33 21.14
CA PHE D 150 -18.11 24.05 19.93
C PHE D 150 -17.29 23.30 18.89
N THR D 151 -15.98 23.48 18.88
CA THR D 151 -15.17 22.70 17.94
C THR D 151 -15.06 21.24 18.37
N SER D 152 -14.90 20.98 19.67
CA SER D 152 -14.89 19.61 20.15
C SER D 152 -16.24 18.94 20.03
N ILE D 153 -17.33 19.72 20.03
CA ILE D 153 -18.65 19.16 19.76
C ILE D 153 -18.82 18.84 18.28
N PHE D 154 -18.49 19.81 17.42
CA PHE D 154 -18.74 19.64 16.00
C PHE D 154 -17.79 18.66 15.34
N THR D 155 -16.60 18.45 15.91
CA THR D 155 -15.73 17.39 15.41
C THR D 155 -16.32 16.02 15.69
N LEU D 156 -16.92 15.84 16.87
CA LEU D 156 -17.63 14.60 17.18
C LEU D 156 -18.84 14.41 16.27
N CYS D 157 -19.56 15.51 15.99
CA CYS D 157 -20.70 15.41 15.09
C CYS D 157 -20.28 15.06 13.68
N THR D 158 -19.19 15.66 13.20
CA THR D 158 -18.72 15.39 11.84
C THR D 158 -18.13 14.00 11.73
N MET D 159 -17.49 13.51 12.80
CA MET D 159 -16.99 12.15 12.80
C MET D 159 -18.14 11.14 12.83
N SER D 160 -19.22 11.47 13.54
CA SER D 160 -20.39 10.60 13.54
C SER D 160 -21.05 10.55 12.17
N VAL D 161 -21.19 11.71 11.51
CA VAL D 161 -21.74 11.73 10.15
C VAL D 161 -20.83 11.00 9.19
N ASP D 162 -19.51 11.09 9.40
CA ASP D 162 -18.55 10.38 8.57
C ASP D 162 -18.68 8.86 8.72
N ARG D 163 -18.80 8.38 9.95
CA ARG D 163 -18.96 6.94 10.16
C ARG D 163 -20.32 6.44 9.67
N TYR D 164 -21.36 7.28 9.78
CA TYR D 164 -22.67 6.91 9.26
C TYR D 164 -22.67 6.83 7.74
N ILE D 165 -21.98 7.75 7.07
CA ILE D 165 -21.85 7.66 5.62
C ILE D 165 -21.00 6.45 5.24
N ALA D 166 -19.95 6.18 6.02
CA ALA D 166 -19.05 5.08 5.71
C ALA D 166 -19.71 3.71 5.91
N VAL D 167 -20.72 3.62 6.77
CA VAL D 167 -21.36 2.33 7.00
C VAL D 167 -22.69 2.23 6.27
N CYS D 168 -23.62 3.16 6.57
CA CYS D 168 -24.99 3.00 6.11
C CYS D 168 -25.15 3.29 4.62
N HIS D 169 -24.34 4.19 4.05
CA HIS D 169 -24.41 4.53 2.63
C HIS D 169 -23.06 4.23 1.98
N PRO D 170 -22.78 2.95 1.70
CA PRO D 170 -21.41 2.57 1.33
C PRO D 170 -21.02 2.98 -0.08
N VAL D 171 -21.97 3.17 -0.98
CA VAL D 171 -21.65 3.54 -2.35
C VAL D 171 -21.22 5.00 -2.43
N LYS D 172 -21.99 5.89 -1.80
CA LYS D 172 -21.71 7.32 -1.82
C LYS D 172 -20.50 7.67 -0.95
N ALA D 173 -20.14 6.78 -0.01
CA ALA D 173 -18.99 7.03 0.85
C ALA D 173 -17.68 7.00 0.09
N LEU D 174 -17.62 6.30 -1.04
CA LEU D 174 -16.43 6.36 -1.87
C LEU D 174 -16.28 7.73 -2.52
N ASP D 175 -17.40 8.40 -2.79
CA ASP D 175 -17.35 9.73 -3.38
C ASP D 175 -17.09 10.80 -2.34
N PHE D 176 -17.68 10.68 -1.15
CA PHE D 176 -17.60 11.77 -0.19
C PHE D 176 -16.29 11.79 0.58
N ARG D 177 -16.03 10.77 1.40
CA ARG D 177 -15.01 10.92 2.43
C ARG D 177 -13.58 10.67 1.95
N THR D 178 -13.21 11.35 0.86
CA THR D 178 -11.82 11.45 0.46
C THR D 178 -11.06 12.31 1.47
N PRO D 179 -9.74 12.14 1.60
CA PRO D 179 -8.96 13.01 2.51
C PRO D 179 -8.88 14.47 2.10
N ARG D 180 -9.45 14.89 0.97
CA ARG D 180 -9.58 16.31 0.68
C ARG D 180 -10.88 16.88 1.25
N ASN D 181 -11.98 16.12 1.16
CA ASN D 181 -13.26 16.62 1.65
C ASN D 181 -13.32 16.60 3.18
N ALA D 182 -12.57 15.68 3.80
CA ALA D 182 -12.52 15.63 5.26
C ALA D 182 -11.86 16.87 5.84
N LYS D 183 -10.77 17.33 5.23
CA LYS D 183 -10.14 18.57 5.65
C LYS D 183 -11.02 19.78 5.34
N ILE D 184 -11.81 19.71 4.26
CA ILE D 184 -12.66 20.83 3.89
C ILE D 184 -13.81 20.99 4.89
N VAL D 185 -14.44 19.88 5.28
CA VAL D 185 -15.49 19.97 6.29
C VAL D 185 -14.91 20.24 7.67
N ASN D 186 -13.62 19.92 7.88
CA ASN D 186 -12.95 20.31 9.11
C ASN D 186 -12.77 21.82 9.19
N VAL D 187 -12.28 22.44 8.11
CA VAL D 187 -12.17 23.90 8.06
C VAL D 187 -13.55 24.54 8.14
N CYS D 188 -14.57 23.87 7.58
CA CYS D 188 -15.94 24.36 7.64
C CYS D 188 -16.48 24.39 9.07
N ASN D 189 -16.22 23.34 9.88
CA ASN D 189 -16.80 23.41 11.23
C ASN D 189 -15.95 24.24 12.19
N TRP D 190 -14.63 24.39 11.95
CA TRP D 190 -13.89 25.41 12.68
C TRP D 190 -14.42 26.81 12.40
N ILE D 191 -14.73 27.10 11.13
CA ILE D 191 -15.25 28.42 10.77
C ILE D 191 -16.65 28.63 11.32
N LEU D 192 -17.48 27.57 11.33
CA LEU D 192 -18.83 27.72 11.87
C LEU D 192 -18.80 27.81 13.39
N SER D 193 -17.78 27.23 14.04
CA SER D 193 -17.61 27.47 15.46
C SER D 193 -17.15 28.89 15.74
N SER D 194 -16.32 29.46 14.86
CA SER D 194 -15.93 30.87 15.02
C SER D 194 -17.12 31.80 14.83
N ALA D 195 -18.04 31.46 13.90
CA ALA D 195 -19.19 32.31 13.61
C ALA D 195 -20.20 32.39 14.75
N ILE D 196 -20.08 31.54 15.77
CA ILE D 196 -20.86 31.68 17.00
C ILE D 196 -19.98 31.91 18.22
N GLY D 197 -18.67 31.77 18.10
CA GLY D 197 -17.79 32.10 19.20
C GLY D 197 -17.37 33.54 19.24
N LEU D 198 -17.42 34.22 18.10
CA LEU D 198 -17.12 35.65 18.06
C LEU D 198 -18.24 36.55 18.61
N PRO D 199 -19.54 36.26 18.45
CA PRO D 199 -20.53 36.99 19.27
C PRO D 199 -20.43 36.71 20.76
N VAL D 200 -19.79 35.61 21.17
CA VAL D 200 -19.38 35.46 22.55
C VAL D 200 -18.20 36.36 22.85
N MET D 201 -17.26 36.47 21.90
CA MET D 201 -16.00 37.13 22.15
C MET D 201 -16.15 38.65 22.25
N PHE D 202 -17.00 39.24 21.42
CA PHE D 202 -17.11 40.70 21.39
C PHE D 202 -17.83 41.25 22.63
N MET D 203 -18.54 40.42 23.38
CA MET D 203 -19.21 40.87 24.59
C MET D 203 -18.60 40.24 25.85
N ALA D 204 -17.35 39.77 25.76
CA ALA D 204 -16.70 39.12 26.89
C ALA D 204 -15.97 40.16 27.73
N THR D 205 -16.75 40.95 28.46
CA THR D 205 -16.24 42.12 29.14
C THR D 205 -15.55 41.74 30.46
N THR D 206 -15.31 42.74 31.30
CA THR D 206 -14.63 42.59 32.58
C THR D 206 -15.18 43.68 33.49
N LYS D 207 -16.07 43.30 34.40
CA LYS D 207 -16.79 44.25 35.25
C LYS D 207 -16.49 43.94 36.70
N TYR D 208 -15.89 44.89 37.41
CA TYR D 208 -15.31 44.63 38.71
C TYR D 208 -16.39 44.48 39.78
N ARG D 209 -16.08 43.62 40.76
CA ARG D 209 -16.99 43.29 41.85
C ARG D 209 -16.80 44.28 43.00
N GLN D 210 -17.27 43.92 44.20
CA GLN D 210 -16.97 44.67 45.42
C GLN D 210 -15.47 44.84 45.60
N GLY D 211 -14.73 43.74 45.69
CA GLY D 211 -13.32 43.80 45.37
C GLY D 211 -12.81 42.53 44.71
N SER D 212 -12.39 42.66 43.46
CA SER D 212 -11.83 41.61 42.61
C SER D 212 -11.48 42.23 41.25
N ILE D 213 -11.00 41.39 40.34
CA ILE D 213 -11.19 41.60 38.91
C ILE D 213 -11.99 40.42 38.41
N ASP D 214 -12.97 40.65 37.55
CA ASP D 214 -13.90 39.59 37.21
C ASP D 214 -13.68 39.21 35.74
N CYS D 215 -14.54 38.30 35.25
CA CYS D 215 -14.48 37.87 33.85
C CYS D 215 -15.87 37.32 33.52
N THR D 216 -16.66 38.10 32.81
CA THR D 216 -18.06 37.78 32.56
C THR D 216 -18.52 38.46 31.29
N LEU D 217 -19.76 38.18 30.89
CA LEU D 217 -20.31 38.65 29.62
C LEU D 217 -21.56 39.50 29.85
N THR D 218 -21.44 40.81 29.71
CA THR D 218 -22.62 41.64 29.62
C THR D 218 -23.10 41.67 28.18
N PHE D 219 -24.32 42.12 27.98
CA PHE D 219 -24.95 42.09 26.68
C PHE D 219 -25.03 43.50 26.09
N SER D 220 -25.58 43.56 24.88
CA SER D 220 -25.93 44.82 24.22
C SER D 220 -27.26 45.33 24.76
N HIS D 221 -27.88 46.23 24.03
CA HIS D 221 -29.27 46.53 24.36
C HIS D 221 -30.18 45.53 23.65
N PRO D 222 -31.12 44.85 24.35
CA PRO D 222 -31.51 44.91 25.77
C PRO D 222 -30.54 44.21 26.72
N THR D 223 -30.52 44.67 27.97
CA THR D 223 -29.37 44.46 28.85
C THR D 223 -29.29 43.04 29.38
N TRP D 224 -30.38 42.54 29.97
CA TRP D 224 -30.34 41.25 30.66
C TRP D 224 -30.91 40.10 29.83
N TYR D 225 -31.57 40.36 28.71
CA TYR D 225 -32.10 39.27 27.90
C TYR D 225 -31.17 38.84 26.78
N TRP D 226 -30.43 39.77 26.15
CA TRP D 226 -29.64 39.39 24.99
C TRP D 226 -28.40 38.57 25.37
N GLU D 227 -28.02 38.56 26.65
CA GLU D 227 -27.10 37.55 27.14
C GLU D 227 -27.83 36.27 27.55
N ASN D 228 -29.11 36.39 27.95
CA ASN D 228 -29.87 35.21 28.34
C ASN D 228 -30.20 34.33 27.14
N LEU D 229 -30.11 34.87 25.93
CA LEU D 229 -30.22 34.05 24.72
C LEU D 229 -29.04 33.10 24.59
N LEU D 230 -27.87 33.47 25.12
CA LEU D 230 -26.65 32.72 24.84
C LEU D 230 -26.64 31.36 25.54
N LYS D 231 -27.14 31.30 26.77
CA LYS D 231 -27.21 30.02 27.49
C LYS D 231 -28.17 29.05 26.79
N ILE D 232 -29.32 29.55 26.37
CA ILE D 232 -30.30 28.72 25.67
C ILE D 232 -29.77 28.32 24.30
N CYS D 233 -28.97 29.18 23.66
CA CYS D 233 -28.42 28.85 22.35
C CYS D 233 -27.33 27.79 22.46
N VAL D 234 -26.46 27.89 23.47
CA VAL D 234 -25.45 26.87 23.69
C VAL D 234 -26.10 25.55 24.12
N PHE D 235 -27.23 25.61 24.82
CA PHE D 235 -27.94 24.37 25.18
C PHE D 235 -28.56 23.72 23.96
N ILE D 236 -29.33 24.46 23.17
CA ILE D 236 -30.08 23.86 22.06
C ILE D 236 -29.23 23.68 20.82
N PHE D 237 -28.02 24.24 20.79
CA PHE D 237 -27.15 24.16 19.63
C PHE D 237 -25.83 23.49 19.98
N ALA D 238 -25.67 23.06 21.23
CA ALA D 238 -24.44 22.41 21.66
C ALA D 238 -24.67 21.23 22.58
N PHE D 239 -25.90 20.95 22.97
CA PHE D 239 -26.19 19.69 23.64
C PHE D 239 -27.40 18.98 23.05
N ILE D 240 -28.42 19.72 22.61
CA ILE D 240 -29.60 19.08 22.05
C ILE D 240 -29.31 18.55 20.65
N MET D 241 -28.75 19.41 19.79
CA MET D 241 -28.38 18.97 18.43
C MET D 241 -27.27 17.92 18.38
N PRO D 242 -26.16 17.98 19.14
CA PRO D 242 -25.19 16.89 19.03
C PRO D 242 -25.67 15.56 19.60
N VAL D 243 -26.41 15.55 20.71
CA VAL D 243 -26.95 14.30 21.21
C VAL D 243 -27.99 13.75 20.23
N LEU D 244 -28.87 14.62 19.72
CA LEU D 244 -29.89 14.21 18.77
C LEU D 244 -29.30 13.81 17.43
N ILE D 245 -28.07 14.22 17.11
CA ILE D 245 -27.48 13.73 15.87
C ILE D 245 -26.64 12.47 16.12
N ILE D 246 -25.92 12.35 17.24
CA ILE D 246 -25.04 11.20 17.39
C ILE D 246 -25.70 10.03 18.08
N THR D 247 -26.97 10.16 18.50
CA THR D 247 -27.61 8.92 18.90
C THR D 247 -28.35 8.29 17.72
N VAL D 248 -28.94 9.08 16.82
CA VAL D 248 -29.60 8.52 15.65
C VAL D 248 -28.58 8.13 14.60
N CYS D 249 -27.56 8.97 14.42
CA CYS D 249 -26.50 8.80 13.44
C CYS D 249 -25.62 7.60 13.76
N TYR D 250 -25.66 7.12 14.99
CA TYR D 250 -25.02 5.86 15.38
C TYR D 250 -26.01 4.71 15.54
N GLY D 251 -27.26 4.98 15.89
CA GLY D 251 -28.22 3.90 16.03
C GLY D 251 -28.60 3.29 14.69
N LEU D 252 -28.68 4.13 13.65
CA LEU D 252 -28.94 3.57 12.34
C LEU D 252 -27.71 2.84 11.80
N MET D 253 -26.51 3.23 12.25
CA MET D 253 -25.30 2.48 11.92
C MET D 253 -25.30 1.10 12.58
N ILE D 254 -25.74 1.03 13.85
CA ILE D 254 -25.81 -0.26 14.53
C ILE D 254 -26.89 -1.15 13.91
N LEU D 255 -28.05 -0.56 13.60
CA LEU D 255 -29.12 -1.31 12.93
C LEU D 255 -28.75 -1.71 11.51
N ARG D 256 -27.79 -1.02 10.88
CA ARG D 256 -27.28 -1.49 9.61
C ARG D 256 -26.27 -2.62 9.79
N LEU D 257 -25.37 -2.49 10.76
CA LEU D 257 -24.35 -3.52 10.99
C LEU D 257 -24.93 -4.83 11.51
N LYS D 258 -26.11 -4.79 12.12
CA LYS D 258 -26.74 -6.07 12.49
C LYS D 258 -27.28 -6.81 11.28
N SER D 259 -27.43 -6.15 10.14
CA SER D 259 -27.87 -6.79 8.91
C SER D 259 -26.73 -6.94 7.90
N VAL D 260 -25.51 -7.12 8.39
CA VAL D 260 -24.34 -7.32 7.55
C VAL D 260 -23.89 -8.75 7.70
N ARG D 261 -23.70 -9.45 6.56
CA ARG D 261 -23.27 -10.84 6.56
C ARG D 261 -21.85 -11.01 7.10
N MET D 262 -21.03 -9.96 7.02
CA MET D 262 -19.69 -10.00 7.59
C MET D 262 -19.72 -10.06 9.12
N LEU D 263 -20.79 -9.57 9.75
CA LEU D 263 -20.82 -9.44 11.21
C LEU D 263 -22.01 -10.16 11.86
N SER D 264 -22.83 -10.88 11.10
CA SER D 264 -24.07 -11.39 11.67
C SER D 264 -23.84 -12.68 12.47
N GLY D 265 -23.43 -13.75 11.80
CA GLY D 265 -23.17 -15.02 12.45
C GLY D 265 -21.73 -15.13 12.88
N SER D 266 -21.25 -16.39 12.96
CA SER D 266 -19.83 -16.72 13.10
C SER D 266 -19.18 -16.13 14.35
N LYS D 267 -19.45 -16.74 15.51
CA LYS D 267 -19.27 -16.28 16.90
C LYS D 267 -18.12 -15.32 17.16
N GLU D 268 -16.95 -15.56 16.58
CA GLU D 268 -15.85 -14.59 16.70
C GLU D 268 -16.19 -13.28 16.01
N LYS D 269 -16.76 -13.34 14.81
CA LYS D 269 -17.21 -12.10 14.18
C LYS D 269 -18.45 -11.54 14.86
N ASP D 270 -19.23 -12.39 15.54
CA ASP D 270 -20.35 -11.89 16.33
C ASP D 270 -19.85 -11.09 17.52
N ARG D 271 -18.78 -11.52 18.17
CA ARG D 271 -18.24 -10.70 19.25
C ARG D 271 -17.45 -9.52 18.73
N ASN D 272 -17.00 -9.56 17.46
CA ASN D 272 -16.48 -8.33 16.86
C ASN D 272 -17.59 -7.29 16.65
N LEU D 273 -18.76 -7.74 16.22
CA LEU D 273 -19.94 -6.86 16.18
C LEU D 273 -20.30 -6.35 17.56
N ARG D 274 -20.20 -7.23 18.57
CA ARG D 274 -20.41 -6.83 19.95
C ARG D 274 -19.41 -5.77 20.39
N ARG D 275 -18.14 -5.90 19.95
CA ARG D 275 -17.11 -4.92 20.28
C ARG D 275 -17.41 -3.56 19.66
N ILE D 276 -17.88 -3.56 18.41
CA ILE D 276 -18.26 -2.30 17.76
C ILE D 276 -19.43 -1.64 18.49
N THR D 277 -20.44 -2.43 18.88
CA THR D 277 -21.58 -1.86 19.60
C THR D 277 -21.20 -1.40 21.00
N ARG D 278 -20.26 -2.09 21.67
CA ARG D 278 -19.78 -1.63 22.96
C ARG D 278 -19.05 -0.30 22.83
N MET D 279 -18.22 -0.14 21.78
CA MET D 279 -17.51 1.13 21.60
C MET D 279 -18.46 2.28 21.28
N VAL D 280 -19.49 2.01 20.48
CA VAL D 280 -20.46 3.06 20.15
C VAL D 280 -21.30 3.44 21.37
N LEU D 281 -21.71 2.45 22.17
CA LEU D 281 -22.42 2.78 23.40
C LEU D 281 -21.52 3.49 24.41
N VAL D 282 -20.21 3.20 24.42
CA VAL D 282 -19.32 3.89 25.33
C VAL D 282 -19.15 5.36 24.93
N VAL D 283 -18.98 5.64 23.63
CA VAL D 283 -18.80 7.05 23.23
C VAL D 283 -20.09 7.85 23.44
N VAL D 284 -21.25 7.28 23.13
CA VAL D 284 -22.50 8.03 23.32
C VAL D 284 -22.82 8.20 24.81
N ALA D 285 -22.60 7.14 25.60
CA ALA D 285 -22.88 7.23 27.03
C ALA D 285 -21.89 8.15 27.74
N VAL D 286 -20.64 8.22 27.30
CA VAL D 286 -19.72 9.12 27.98
C VAL D 286 -19.99 10.56 27.54
N PHE D 287 -20.52 10.76 26.32
CA PHE D 287 -20.92 12.09 25.90
C PHE D 287 -22.08 12.60 26.76
N ILE D 288 -23.10 11.76 26.93
CA ILE D 288 -24.26 12.14 27.73
C ILE D 288 -23.88 12.30 29.20
N VAL D 289 -23.04 11.41 29.72
CA VAL D 289 -22.68 11.46 31.14
C VAL D 289 -21.75 12.62 31.44
N CYS D 290 -20.92 13.04 30.48
CA CYS D 290 -20.08 14.19 30.72
C CYS D 290 -20.86 15.49 30.60
N TRP D 291 -21.60 15.68 29.51
CA TRP D 291 -22.25 16.95 29.28
C TRP D 291 -23.73 16.95 29.63
N THR D 292 -24.16 16.05 30.51
CA THR D 292 -25.46 16.28 31.12
C THR D 292 -25.40 17.36 32.20
N PRO D 293 -24.54 17.29 33.25
CA PRO D 293 -24.76 18.23 34.37
C PRO D 293 -24.39 19.67 34.06
N ILE D 294 -23.38 19.90 33.21
CA ILE D 294 -22.95 21.28 32.95
C ILE D 294 -23.95 22.04 32.10
N HIS D 295 -24.88 21.34 31.45
CA HIS D 295 -25.95 22.01 30.75
C HIS D 295 -27.25 22.02 31.54
N ILE D 296 -27.54 20.93 32.27
CA ILE D 296 -28.73 20.91 33.12
C ILE D 296 -28.60 21.95 34.23
N TYR D 297 -27.42 22.07 34.82
CA TYR D 297 -27.24 23.06 35.88
C TYR D 297 -27.29 24.47 35.34
N VAL D 298 -26.74 24.73 34.15
CA VAL D 298 -26.75 26.10 33.66
C VAL D 298 -28.15 26.50 33.21
N ILE D 299 -28.99 25.52 32.87
CA ILE D 299 -30.39 25.85 32.64
C ILE D 299 -31.12 26.12 33.95
N ILE D 300 -30.87 25.29 34.98
CA ILE D 300 -31.56 25.48 36.26
C ILE D 300 -31.05 26.73 37.01
N LYS D 301 -29.83 27.16 36.76
CA LYS D 301 -29.33 28.41 37.33
C LYS D 301 -29.98 29.64 36.71
N ALA D 302 -30.71 29.49 35.60
CA ALA D 302 -31.41 30.61 34.97
C ALA D 302 -32.84 30.77 35.45
N LEU D 303 -33.50 29.69 35.82
CA LEU D 303 -34.87 29.80 36.32
C LEU D 303 -34.90 30.26 37.77
N ILE D 304 -34.33 29.46 38.67
CA ILE D 304 -34.36 29.75 40.09
C ILE D 304 -32.99 30.26 40.52
N THR D 305 -32.98 31.28 41.38
CA THR D 305 -31.77 31.70 42.06
C THR D 305 -31.49 30.71 43.17
N ILE D 306 -30.44 29.92 43.00
CA ILE D 306 -30.09 28.84 43.94
C ILE D 306 -29.72 29.44 45.28
N PRO D 307 -30.20 28.90 46.40
CA PRO D 307 -29.71 29.36 47.71
C PRO D 307 -28.26 28.95 47.89
N GLU D 308 -27.44 29.91 48.34
CA GLU D 308 -25.99 29.72 48.41
C GLU D 308 -25.67 28.79 49.58
N THR D 309 -25.86 27.51 49.34
CA THR D 309 -25.41 26.47 50.26
C THR D 309 -23.96 26.15 49.96
N THR D 310 -23.15 26.05 51.01
CA THR D 310 -21.71 25.87 50.85
C THR D 310 -21.33 24.50 50.30
N PHE D 311 -22.28 23.57 50.21
CA PHE D 311 -22.02 22.29 49.54
C PHE D 311 -22.26 22.37 48.04
N GLN D 312 -22.77 23.49 47.53
CA GLN D 312 -23.06 23.58 46.10
C GLN D 312 -21.79 23.74 45.27
N THR D 313 -20.97 24.73 45.62
CA THR D 313 -19.95 25.22 44.69
C THR D 313 -18.81 24.23 44.48
N VAL D 314 -18.56 23.33 45.44
CA VAL D 314 -17.63 22.24 45.19
C VAL D 314 -18.18 21.30 44.14
N SER D 315 -19.49 21.04 44.18
CA SER D 315 -20.12 20.25 43.14
C SER D 315 -20.26 21.03 41.84
N TRP D 316 -20.18 22.35 41.87
CA TRP D 316 -20.25 23.08 40.61
C TRP D 316 -18.89 23.16 39.92
N HIS D 317 -17.81 23.22 40.69
CA HIS D 317 -16.51 23.05 40.04
C HIS D 317 -16.30 21.60 39.61
N PHE D 318 -16.87 20.64 40.36
CA PHE D 318 -16.92 19.26 39.85
C PHE D 318 -17.81 19.16 38.62
N CYS D 319 -18.82 20.02 38.51
CA CYS D 319 -19.69 20.03 37.35
C CYS D 319 -18.94 20.52 36.11
N ILE D 320 -18.11 21.55 36.28
CA ILE D 320 -17.21 21.99 35.21
C ILE D 320 -16.19 20.89 34.89
N ALA D 321 -15.72 20.18 35.91
CA ALA D 321 -14.74 19.12 35.72
C ALA D 321 -15.31 17.97 34.89
N LEU D 322 -16.55 17.56 35.17
CA LEU D 322 -17.08 16.52 34.30
C LEU D 322 -17.67 17.10 33.03
N GLY D 323 -17.78 18.42 32.92
CA GLY D 323 -17.96 19.02 31.62
C GLY D 323 -16.75 18.85 30.73
N TYR D 324 -15.56 18.91 31.33
CA TYR D 324 -14.33 18.73 30.56
C TYR D 324 -13.79 17.30 30.59
N THR D 325 -14.46 16.39 31.28
CA THR D 325 -14.05 14.98 31.27
C THR D 325 -14.19 14.35 29.88
N ASN D 326 -15.12 14.85 29.06
CA ASN D 326 -15.21 14.40 27.66
C ASN D 326 -13.95 14.78 26.88
N SER D 327 -13.52 16.03 27.03
CA SER D 327 -12.26 16.50 26.45
C SER D 327 -11.07 15.72 27.00
N CYS D 328 -11.13 15.31 28.26
CA CYS D 328 -10.05 14.53 28.86
C CYS D 328 -10.00 13.11 28.31
N LEU D 329 -11.16 12.50 28.07
CA LEU D 329 -11.21 11.07 27.79
C LEU D 329 -11.37 10.71 26.32
N ASN D 330 -11.58 11.69 25.43
CA ASN D 330 -11.52 11.40 24.00
C ASN D 330 -10.21 10.76 23.51
N PRO D 331 -9.02 11.06 24.05
CA PRO D 331 -7.87 10.18 23.79
C PRO D 331 -8.08 8.72 24.17
N VAL D 332 -8.56 8.46 25.39
CA VAL D 332 -8.81 7.10 25.83
C VAL D 332 -9.98 6.49 25.05
N LEU D 333 -10.88 7.33 24.54
CA LEU D 333 -12.05 6.84 23.83
C LEU D 333 -11.74 6.45 22.39
N TYR D 334 -10.87 7.19 21.71
CA TYR D 334 -10.66 6.97 20.28
C TYR D 334 -9.30 6.38 19.94
N ALA D 335 -8.20 7.06 20.28
CA ALA D 335 -6.90 6.63 19.78
C ALA D 335 -6.36 5.41 20.51
N PHE D 336 -6.79 5.17 21.75
CA PHE D 336 -6.45 3.91 22.41
C PHE D 336 -7.33 2.77 21.90
N LEU D 337 -8.63 3.01 21.74
CA LEU D 337 -9.57 1.94 21.43
C LEU D 337 -9.82 1.86 19.92
N ASP D 338 -8.73 1.71 19.16
CA ASP D 338 -8.77 1.43 17.73
C ASP D 338 -7.71 0.39 17.43
N GLU D 339 -7.47 0.16 16.13
CA GLU D 339 -6.36 -0.66 15.68
C GLU D 339 -5.22 0.17 15.09
N ASN D 340 -5.40 1.48 14.97
CA ASN D 340 -4.33 2.33 14.44
C ASN D 340 -3.23 2.57 15.46
N PHE D 341 -3.50 2.36 16.75
CA PHE D 341 -2.46 2.51 17.76
C PHE D 341 -1.46 1.36 17.71
N LYS D 342 -1.88 0.20 17.21
CA LYS D 342 -1.00 -0.96 17.16
C LYS D 342 0.03 -0.86 16.05
N ARG D 343 -0.15 0.06 15.10
CA ARG D 343 0.81 0.24 14.02
C ARG D 343 1.16 1.72 13.85
N TYR E 1 -16.46 25.90 29.96
CA TYR E 1 -17.88 26.25 30.13
C TYR E 1 -18.20 26.17 31.61
N GLY E 3 -17.60 27.95 34.17
CA GLY E 3 -16.79 29.04 34.69
C GLY E 3 -16.98 30.31 33.90
#